data_7H99
#
_entry.id   7H99
#
_cell.length_a   87.538
_cell.length_b   87.538
_cell.length_c   85.717
_cell.angle_alpha   90.00
_cell.angle_beta   90.00
_cell.angle_gamma   120.00
#
_symmetry.space_group_name_H-M   'P 31'
#
loop_
_entity.id
_entity.type
_entity.pdbx_description
1 polymer 'Non-structural protein 3'
2 non-polymer 'DIMETHYL SULFOXIDE'
3 non-polymer 2-AMINO-2-HYDROXYMETHYL-PROPANE-1,3-DIOL
4 non-polymer 5-METHYLPYRIDIN-2-AMINE
5 non-polymer 'CHLORIDE ION'
6 water water
#
_entity_poly.entity_id   1
_entity_poly.type   'polypeptide(L)'
_entity_poly.pdbx_seq_one_letter_code
;GAMAPSYRVKRMDIAKNDEECVVNAANPRGLPGDGVCKAVYKKWPESFKNSATPVGTAKTVMCGTYPVIHAVGPNFSNYT
ESEGDRELAAAYREVAKEVTRLGVNSVAIPLLSTGVYSGGKDRLTQSLNHLFTAMDSTDADVVIYCRDKEWEKKISEAIQ
MRT
;
_entity_poly.pdbx_strand_id   A,B,C,D
#
loop_
_chem_comp.id
_chem_comp.type
_chem_comp.name
_chem_comp.formula
CL non-polymer 'CHLORIDE ION' 'Cl -1'
DMS non-polymer 'DIMETHYL SULFOXIDE' 'C2 H6 O S'
LG4 non-polymer 5-METHYLPYRIDIN-2-AMINE 'C6 H8 N2'
TRS non-polymer 2-AMINO-2-HYDROXYMETHYL-PROPANE-1,3-DIOL 'C4 H12 N O3 1'
#
# COMPACT_ATOMS: atom_id res chain seq x y z
N GLY A 1 14.76 -17.18 -9.50
CA GLY A 1 13.86 -18.07 -10.35
C GLY A 1 12.92 -18.89 -9.48
N ALA A 2 11.80 -19.38 -10.06
CA ALA A 2 10.92 -20.38 -9.40
C ALA A 2 11.67 -21.71 -9.39
N MET A 3 11.42 -22.53 -8.35
CA MET A 3 12.03 -23.88 -8.14
C MET A 3 11.77 -24.76 -9.36
N ALA A 4 10.53 -24.73 -9.85
CA ALA A 4 10.07 -25.57 -10.98
C ALA A 4 9.16 -24.72 -11.86
N PRO A 5 9.77 -23.83 -12.67
CA PRO A 5 8.98 -22.85 -13.42
C PRO A 5 7.78 -23.49 -14.13
N SER A 6 6.60 -22.88 -14.04
CA SER A 6 5.32 -23.44 -14.52
C SER A 6 4.55 -22.39 -15.30
N TYR A 7 3.55 -22.86 -16.04
CA TYR A 7 2.44 -22.06 -16.59
C TYR A 7 1.14 -22.49 -15.94
N ARG A 8 0.32 -21.52 -15.59
CA ARG A 8 -1.04 -21.74 -15.07
C ARG A 8 -1.97 -20.76 -15.76
N VAL A 9 -3.27 -21.02 -15.66
CA VAL A 9 -4.29 -20.10 -16.17
C VAL A 9 -5.36 -19.93 -15.11
N LYS A 10 -5.80 -18.68 -14.91
CA LYS A 10 -6.92 -18.35 -14.01
C LYS A 10 -7.94 -17.49 -14.73
N ARG A 11 -9.21 -17.72 -14.46
CA ARG A 11 -10.33 -16.91 -15.00
C ARG A 11 -10.80 -15.95 -13.92
N MET A 12 -10.23 -14.75 -13.93
CA MET A 12 -10.55 -13.69 -12.93
C MET A 12 -9.87 -12.40 -13.38
N ASP A 13 -10.19 -11.33 -12.68
CA ASP A 13 -9.62 -9.98 -12.86
C ASP A 13 -8.14 -10.00 -12.48
N ILE A 14 -7.27 -9.65 -13.43
CA ILE A 14 -5.78 -9.60 -13.24
C ILE A 14 -5.41 -8.56 -12.18
N ALA A 15 -6.27 -7.57 -11.89
CA ALA A 15 -6.08 -6.66 -10.74
C ALA A 15 -6.08 -7.35 -9.36
N LYS A 16 -6.55 -8.60 -9.26
CA LYS A 16 -6.59 -9.42 -8.01
C LYS A 16 -5.47 -10.47 -8.04
N ASN A 17 -4.47 -10.34 -8.92
CA ASN A 17 -3.44 -11.39 -9.08
C ASN A 17 -2.64 -11.63 -7.80
N ASP A 18 -2.05 -12.82 -7.69
CA ASP A 18 -1.20 -13.29 -6.57
C ASP A 18 0.24 -13.46 -7.04
N GLU A 19 0.70 -12.62 -7.96
CA GLU A 19 2.06 -12.73 -8.53
C GLU A 19 2.90 -11.49 -8.14
N GLU A 20 4.21 -11.55 -8.44
CA GLU A 20 5.17 -10.51 -7.99
C GLU A 20 5.18 -9.29 -8.91
N CYS A 21 4.56 -9.38 -10.08
CA CYS A 21 4.40 -8.25 -10.99
C CYS A 21 3.28 -8.56 -11.99
N VAL A 22 2.81 -7.54 -12.67
CA VAL A 22 1.68 -7.62 -13.62
C VAL A 22 2.10 -7.04 -14.95
N VAL A 23 1.58 -7.62 -16.03
CA VAL A 23 1.68 -7.08 -17.41
C VAL A 23 0.34 -6.44 -17.74
N ASN A 24 0.38 -5.17 -18.08
CA ASN A 24 -0.81 -4.43 -18.57
C ASN A 24 -0.89 -4.59 -20.09
N ALA A 25 -2.07 -4.87 -20.61
CA ALA A 25 -2.35 -4.78 -22.06
C ALA A 25 -2.63 -3.30 -22.38
N ALA A 26 -1.58 -2.52 -22.53
CA ALA A 26 -1.57 -1.05 -22.57
C ALA A 26 -1.89 -0.54 -23.97
N ASN A 27 -2.24 0.74 -24.03
CA ASN A 27 -2.24 1.49 -25.28
C ASN A 27 -0.95 2.27 -25.38
N PRO A 28 -0.55 2.69 -26.58
CA PRO A 28 0.73 3.39 -26.76
C PRO A 28 0.84 4.75 -26.05
N ARG A 29 -0.28 5.34 -25.65
CA ARG A 29 -0.30 6.72 -25.10
C ARG A 29 -0.35 6.76 -23.59
N GLY A 30 -0.35 5.60 -22.93
CA GLY A 30 -0.43 5.60 -21.46
C GLY A 30 -1.74 6.10 -20.95
N LEU A 31 -2.83 5.93 -21.71
CA LEU A 31 -4.18 6.35 -21.30
C LEU A 31 -4.87 5.25 -20.51
N PRO A 32 -5.84 5.59 -19.63
CA PRO A 32 -6.58 4.57 -18.89
C PRO A 32 -7.22 3.46 -19.72
N GLY A 33 -7.73 3.74 -20.91
CA GLY A 33 -8.16 2.65 -21.83
C GLY A 33 -9.42 1.92 -21.35
N ASP A 34 -9.60 0.68 -21.79
CA ASP A 34 -10.74 -0.21 -21.45
C ASP A 34 -10.24 -1.61 -21.09
N GLY A 35 -11.13 -2.47 -20.59
CA GLY A 35 -10.79 -3.89 -20.35
C GLY A 35 -9.69 -4.03 -19.30
N VAL A 36 -8.69 -4.88 -19.54
CA VAL A 36 -7.52 -5.07 -18.62
C VAL A 36 -6.95 -3.69 -18.27
N CYS A 37 -6.71 -2.84 -19.26
CA CYS A 37 -6.03 -1.53 -19.05
C CYS A 37 -6.76 -0.66 -18.00
N LYS A 38 -8.09 -0.62 -18.08
CA LYS A 38 -8.96 0.15 -17.15
C LYS A 38 -8.83 -0.43 -15.71
N ALA A 39 -8.81 -1.75 -15.60
CA ALA A 39 -8.74 -2.46 -14.29
C ALA A 39 -7.37 -2.14 -13.68
N VAL A 40 -6.34 -2.16 -14.53
CA VAL A 40 -4.94 -1.89 -14.09
C VAL A 40 -4.85 -0.41 -13.68
N TYR A 41 -5.52 0.50 -14.41
CA TYR A 41 -5.48 1.94 -14.06
C TYR A 41 -6.14 2.19 -12.68
N LYS A 42 -7.25 1.50 -12.42
CA LYS A 42 -7.98 1.59 -11.13
C LYS A 42 -7.08 1.11 -9.98
N LYS A 43 -6.38 0.00 -10.19
CA LYS A 43 -5.61 -0.70 -9.13
C LYS A 43 -4.26 -0.03 -8.88
N TRP A 44 -3.57 0.38 -9.94
CA TRP A 44 -2.18 0.87 -9.93
C TRP A 44 -2.08 2.20 -10.69
N PRO A 45 -2.87 3.25 -10.39
CA PRO A 45 -2.84 4.47 -11.21
C PRO A 45 -1.48 5.18 -11.24
N GLU A 46 -0.71 5.04 -10.16
CA GLU A 46 0.64 5.65 -10.08
C GLU A 46 1.54 5.10 -11.18
N SER A 47 1.29 3.86 -11.64
CA SER A 47 2.14 3.22 -12.66
C SER A 47 1.92 3.83 -14.05
N PHE A 48 1.01 4.77 -14.20
CA PHE A 48 0.80 5.36 -15.55
C PHE A 48 1.57 6.67 -15.73
N LYS A 49 2.37 7.05 -14.75
CA LYS A 49 3.33 8.19 -14.96
C LYS A 49 4.38 7.84 -16.02
N ASN A 50 4.35 8.53 -17.19
CA ASN A 50 5.34 8.31 -18.27
C ASN A 50 5.36 6.83 -18.71
N SER A 51 4.18 6.23 -18.81
CA SER A 51 4.07 4.82 -19.31
C SER A 51 3.90 4.74 -20.84
N ALA A 52 3.68 5.85 -21.54
CA ALA A 52 3.55 5.84 -23.02
C ALA A 52 4.77 5.20 -23.67
N THR A 53 4.57 4.32 -24.65
CA THR A 53 5.64 3.55 -25.31
C THR A 53 5.08 3.07 -26.65
N PRO A 54 5.93 2.83 -27.67
CA PRO A 54 5.42 2.45 -28.98
C PRO A 54 4.86 1.04 -29.05
N VAL A 55 4.14 0.76 -30.13
CA VAL A 55 3.65 -0.61 -30.40
C VAL A 55 4.84 -1.55 -30.44
N GLY A 56 4.67 -2.79 -29.91
CA GLY A 56 5.73 -3.81 -29.98
C GLY A 56 6.75 -3.71 -28.88
N THR A 57 6.57 -2.79 -27.93
CA THR A 57 7.48 -2.55 -26.78
C THR A 57 6.78 -2.70 -25.45
N ALA A 58 7.59 -2.78 -24.40
CA ALA A 58 7.12 -2.83 -23.02
C ALA A 58 7.93 -1.83 -22.20
N LYS A 59 7.26 -1.17 -21.31
CA LYS A 59 7.87 -0.18 -20.41
C LYS A 59 7.37 -0.45 -19.00
N THR A 60 8.29 -0.63 -18.04
CA THR A 60 7.92 -0.91 -16.63
C THR A 60 7.91 0.41 -15.84
N VAL A 61 6.87 0.59 -15.04
CA VAL A 61 6.73 1.68 -14.05
C VAL A 61 6.30 1.06 -12.74
N MET A 62 6.97 1.46 -11.66
N MET A 62 7.00 1.43 -11.67
CA MET A 62 6.72 0.93 -10.29
CA MET A 62 6.67 0.97 -10.30
C MET A 62 5.52 1.64 -9.67
C MET A 62 5.39 1.63 -9.81
N CYS A 63 4.62 0.88 -9.03
CA CYS A 63 3.55 1.40 -8.17
C CYS A 63 3.96 1.03 -6.75
N GLY A 64 4.56 1.96 -6.01
CA GLY A 64 5.31 1.56 -4.81
C GLY A 64 6.51 0.76 -5.17
N THR A 65 6.61 -0.51 -4.74
CA THR A 65 7.64 -1.45 -5.17
C THR A 65 7.05 -2.54 -6.08
N TYR A 66 5.79 -2.40 -6.49
CA TYR A 66 5.12 -3.45 -7.31
C TYR A 66 5.28 -3.08 -8.79
N PRO A 67 5.98 -3.88 -9.63
CA PRO A 67 6.22 -3.52 -11.02
C PRO A 67 5.04 -3.77 -11.97
N VAL A 68 4.65 -2.72 -12.71
CA VAL A 68 3.61 -2.82 -13.76
C VAL A 68 4.35 -2.73 -15.11
N ILE A 69 4.28 -3.80 -15.91
CA ILE A 69 4.99 -3.86 -17.20
C ILE A 69 3.93 -3.49 -18.26
N HIS A 70 3.99 -2.30 -18.81
CA HIS A 70 3.04 -1.86 -19.86
C HIS A 70 3.47 -2.39 -21.21
N ALA A 71 2.78 -3.42 -21.72
CA ALA A 71 3.12 -4.09 -23.00
C ALA A 71 2.09 -3.69 -24.07
N VAL A 72 2.57 -3.11 -25.15
CA VAL A 72 1.68 -2.54 -26.20
C VAL A 72 1.59 -3.47 -27.42
N GLY A 73 0.55 -4.30 -27.47
CA GLY A 73 0.28 -5.13 -28.63
C GLY A 73 -0.35 -4.27 -29.73
N PRO A 74 -0.23 -4.71 -30.97
CA PRO A 74 -0.85 -4.03 -32.10
C PRO A 74 -2.38 -4.10 -32.09
N ASN A 75 -3.00 -3.05 -32.61
CA ASN A 75 -4.47 -3.07 -32.88
C ASN A 75 -4.64 -3.60 -34.31
N PHE A 76 -5.14 -4.81 -34.47
CA PHE A 76 -5.27 -5.50 -35.77
C PHE A 76 -6.33 -4.78 -36.64
N SER A 77 -7.04 -3.81 -36.11
CA SER A 77 -7.86 -2.92 -37.00
C SER A 77 -6.94 -2.09 -37.91
N ASN A 78 -5.75 -1.72 -37.44
CA ASN A 78 -4.86 -0.77 -38.16
C ASN A 78 -3.73 -1.46 -38.89
N TYR A 79 -3.24 -2.59 -38.36
CA TYR A 79 -2.10 -3.34 -38.92
C TYR A 79 -2.63 -4.40 -39.92
N THR A 80 -1.84 -4.69 -40.93
CA THR A 80 -1.99 -5.92 -41.75
C THR A 80 -1.81 -7.15 -40.85
N GLU A 81 -2.37 -8.30 -41.22
CA GLU A 81 -2.11 -9.57 -40.47
C GLU A 81 -0.61 -9.82 -40.30
N SER A 82 0.19 -9.64 -41.33
CA SER A 82 1.64 -9.89 -41.31
C SER A 82 2.33 -8.93 -40.32
N GLU A 83 2.10 -7.63 -40.44
CA GLU A 83 2.82 -6.64 -39.61
C GLU A 83 2.34 -6.77 -38.16
N GLY A 84 1.06 -7.01 -37.98
CA GLY A 84 0.47 -7.18 -36.65
C GLY A 84 1.10 -8.39 -35.97
N ASP A 85 1.21 -9.49 -36.70
CA ASP A 85 1.82 -10.71 -36.13
C ASP A 85 3.23 -10.40 -35.64
N ARG A 86 4.05 -9.66 -36.41
CA ARG A 86 5.43 -9.30 -36.05
C ARG A 86 5.43 -8.45 -34.78
N GLU A 87 4.55 -7.46 -34.69
CA GLU A 87 4.55 -6.54 -33.52
C GLU A 87 4.08 -7.31 -32.29
N LEU A 88 3.13 -8.23 -32.43
CA LEU A 88 2.56 -8.97 -31.27
C LEU A 88 3.67 -9.88 -30.69
N ALA A 89 4.40 -10.58 -31.57
CA ALA A 89 5.59 -11.36 -31.15
C ALA A 89 6.60 -10.47 -30.44
N ALA A 90 6.90 -9.28 -30.97
CA ALA A 90 7.91 -8.37 -30.41
C ALA A 90 7.47 -7.91 -28.99
N ALA A 91 6.20 -7.53 -28.81
CA ALA A 91 5.73 -7.05 -27.49
C ALA A 91 6.06 -8.14 -26.46
N TYR A 92 5.74 -9.41 -26.75
CA TYR A 92 6.02 -10.46 -25.76
C TYR A 92 7.51 -10.65 -25.53
N ARG A 93 8.36 -10.55 -26.57
CA ARG A 93 9.83 -10.63 -26.33
C ARG A 93 10.27 -9.53 -25.36
N GLU A 94 9.74 -8.30 -25.47
CA GLU A 94 10.10 -7.21 -24.54
C GLU A 94 9.57 -7.53 -23.15
N VAL A 95 8.41 -8.17 -22.98
CA VAL A 95 7.92 -8.55 -21.65
C VAL A 95 8.93 -9.52 -21.02
N ALA A 96 9.41 -10.50 -21.77
CA ALA A 96 10.37 -11.48 -21.21
C ALA A 96 11.66 -10.78 -20.74
N LYS A 97 12.16 -9.78 -21.49
CA LYS A 97 13.34 -9.00 -21.08
C LYS A 97 13.05 -8.26 -19.76
N GLU A 98 11.88 -7.64 -19.62
CA GLU A 98 11.55 -6.92 -18.38
C GLU A 98 11.43 -7.86 -17.19
N VAL A 99 10.70 -8.98 -17.36
CA VAL A 99 10.49 -9.97 -16.30
C VAL A 99 11.89 -10.42 -15.82
N THR A 100 12.78 -10.69 -16.76
CA THR A 100 14.17 -11.16 -16.41
C THR A 100 14.91 -10.06 -15.64
N ARG A 101 14.89 -8.84 -16.16
CA ARG A 101 15.62 -7.69 -15.55
C ARG A 101 15.12 -7.45 -14.12
N LEU A 102 13.83 -7.61 -13.83
CA LEU A 102 13.23 -7.30 -12.53
C LEU A 102 13.62 -8.35 -11.48
N GLY A 103 13.95 -9.57 -11.93
CA GLY A 103 14.36 -10.69 -11.05
C GLY A 103 13.20 -11.26 -10.28
N VAL A 104 11.95 -11.05 -10.74
CA VAL A 104 10.75 -11.61 -10.08
C VAL A 104 10.72 -13.13 -10.25
N ASN A 105 10.04 -13.81 -9.34
CA ASN A 105 9.82 -15.27 -9.43
C ASN A 105 8.45 -15.61 -10.03
N SER A 106 7.60 -14.63 -10.30
CA SER A 106 6.23 -14.88 -10.84
C SER A 106 5.73 -13.61 -11.55
N VAL A 107 4.88 -13.78 -12.54
CA VAL A 107 4.29 -12.67 -13.34
C VAL A 107 2.86 -13.05 -13.73
N ALA A 108 1.93 -12.11 -13.63
CA ALA A 108 0.54 -12.18 -14.11
C ALA A 108 0.50 -11.56 -15.51
N ILE A 109 -0.03 -12.27 -16.50
N ILE A 109 0.05 -12.31 -16.52
CA ILE A 109 0.00 -11.80 -17.92
CA ILE A 109 0.04 -11.86 -17.96
C ILE A 109 -1.32 -12.09 -18.61
C ILE A 109 -1.36 -12.06 -18.54
N PRO A 110 -1.89 -11.07 -19.31
CA PRO A 110 -3.06 -11.27 -20.14
C PRO A 110 -2.64 -11.65 -21.57
N LEU A 111 -3.59 -12.14 -22.39
CA LEU A 111 -3.26 -12.43 -23.81
C LEU A 111 -3.39 -11.14 -24.61
N LEU A 112 -2.25 -10.59 -25.03
CA LEU A 112 -2.20 -9.32 -25.78
C LEU A 112 -2.96 -9.43 -27.12
N SER A 113 -3.61 -8.32 -27.49
CA SER A 113 -4.33 -8.13 -28.79
C SER A 113 -5.47 -9.15 -28.97
N THR A 114 -6.09 -9.65 -27.90
CA THR A 114 -7.22 -10.62 -28.00
C THR A 114 -8.58 -9.97 -27.74
N GLY A 115 -8.62 -8.74 -27.26
CA GLY A 115 -9.88 -8.04 -26.91
C GLY A 115 -10.19 -6.96 -27.95
N VAL A 116 -10.25 -5.69 -27.55
CA VAL A 116 -10.63 -4.62 -28.51
C VAL A 116 -9.52 -4.37 -29.56
N TYR A 117 -8.32 -4.93 -29.43
CA TYR A 117 -7.26 -4.83 -30.47
C TYR A 117 -7.24 -6.05 -31.43
N SER A 118 -8.18 -6.98 -31.30
CA SER A 118 -8.18 -8.24 -32.10
C SER A 118 -8.64 -8.02 -33.55
N GLY A 119 -9.16 -6.84 -33.88
CA GLY A 119 -9.76 -6.60 -35.20
C GLY A 119 -10.91 -7.57 -35.49
N GLY A 120 -11.65 -7.96 -34.42
CA GLY A 120 -12.84 -8.82 -34.44
C GLY A 120 -12.55 -10.29 -34.76
N LYS A 121 -11.31 -10.79 -34.56
CA LYS A 121 -10.92 -12.18 -34.84
C LYS A 121 -10.50 -12.86 -33.53
N ASP A 122 -10.71 -14.18 -33.49
CA ASP A 122 -10.26 -15.05 -32.37
C ASP A 122 -8.76 -15.22 -32.54
N ARG A 123 -7.98 -14.67 -31.59
CA ARG A 123 -6.50 -14.73 -31.65
C ARG A 123 -5.95 -15.45 -30.41
N LEU A 124 -6.76 -16.29 -29.75
CA LEU A 124 -6.25 -17.04 -28.57
C LEU A 124 -4.96 -17.75 -28.93
N THR A 125 -4.97 -18.65 -29.93
CA THR A 125 -3.82 -19.51 -30.24
C THR A 125 -2.63 -18.65 -30.68
N GLN A 126 -2.87 -17.66 -31.55
CA GLN A 126 -1.79 -16.78 -32.10
C GLN A 126 -1.10 -16.06 -30.92
N SER A 127 -1.89 -15.49 -30.04
CA SER A 127 -1.35 -14.66 -28.93
C SER A 127 -0.66 -15.58 -27.91
N LEU A 128 -1.31 -16.69 -27.55
CA LEU A 128 -0.72 -17.65 -26.57
C LEU A 128 0.60 -18.21 -27.10
N ASN A 129 0.69 -18.56 -28.38
CA ASN A 129 1.93 -19.17 -28.93
C ASN A 129 3.05 -18.12 -28.91
N HIS A 130 2.75 -16.83 -29.15
CA HIS A 130 3.82 -15.82 -29.03
C HIS A 130 4.23 -15.63 -27.56
N LEU A 131 3.30 -15.75 -26.64
CA LEU A 131 3.60 -15.68 -25.19
C LEU A 131 4.58 -16.82 -24.87
N PHE A 132 4.25 -18.04 -25.28
CA PHE A 132 5.16 -19.18 -24.99
C PHE A 132 6.51 -18.94 -25.62
N THR A 133 6.59 -18.52 -26.90
CA THR A 133 7.90 -18.35 -27.58
C THR A 133 8.81 -17.43 -26.75
N ALA A 134 8.22 -16.37 -26.20
CA ALA A 134 8.98 -15.38 -25.40
C ALA A 134 9.31 -15.91 -24.00
N MET A 135 8.35 -16.49 -23.31
CA MET A 135 8.47 -16.76 -21.86
C MET A 135 9.13 -18.12 -21.61
N ASP A 136 9.23 -18.99 -22.59
CA ASP A 136 9.73 -20.38 -22.32
C ASP A 136 11.15 -20.35 -21.79
N SER A 137 11.97 -19.39 -22.18
CA SER A 137 13.39 -19.32 -21.75
C SER A 137 13.50 -18.58 -20.42
N THR A 138 12.40 -18.06 -19.86
CA THR A 138 12.47 -17.41 -18.52
C THR A 138 12.17 -18.44 -17.42
N ASP A 139 12.58 -18.17 -16.17
CA ASP A 139 12.33 -19.12 -15.06
C ASP A 139 11.30 -18.56 -14.08
N ALA A 140 10.53 -17.54 -14.48
CA ALA A 140 9.40 -17.09 -13.64
C ALA A 140 8.20 -18.04 -13.74
N ASP A 141 7.45 -18.23 -12.67
CA ASP A 141 6.10 -18.84 -12.73
C ASP A 141 5.21 -17.84 -13.51
N VAL A 142 4.59 -18.29 -14.57
CA VAL A 142 3.69 -17.44 -15.40
C VAL A 142 2.27 -17.83 -15.09
N VAL A 143 1.45 -16.85 -14.78
CA VAL A 143 -0.01 -17.07 -14.54
C VAL A 143 -0.76 -16.21 -15.56
N ILE A 144 -1.41 -16.89 -16.48
CA ILE A 144 -2.21 -16.25 -17.56
C ILE A 144 -3.59 -15.97 -17.02
N TYR A 145 -4.10 -14.76 -17.23
CA TYR A 145 -5.45 -14.33 -16.77
C TYR A 145 -6.36 -14.16 -17.98
N CYS A 146 -7.58 -14.68 -17.87
CA CYS A 146 -8.62 -14.56 -18.92
C CYS A 146 -9.98 -14.34 -18.23
N ARG A 147 -11.01 -14.01 -19.03
N ARG A 147 -11.04 -14.05 -18.99
CA ARG A 147 -12.39 -13.68 -18.59
CA ARG A 147 -12.39 -13.81 -18.42
C ARG A 147 -13.35 -14.83 -18.94
C ARG A 147 -13.41 -14.84 -18.94
N ASP A 148 -13.18 -15.40 -20.13
CA ASP A 148 -14.17 -16.29 -20.80
C ASP A 148 -13.94 -17.75 -20.39
N LYS A 149 -15.02 -18.46 -20.05
CA LYS A 149 -14.98 -19.88 -19.61
C LYS A 149 -14.42 -20.81 -20.70
N GLU A 150 -14.80 -20.64 -21.96
CA GLU A 150 -14.26 -21.47 -23.07
C GLU A 150 -12.77 -21.20 -23.30
N TRP A 151 -12.36 -19.92 -23.21
CA TRP A 151 -10.92 -19.56 -23.31
C TRP A 151 -10.13 -20.24 -22.19
N GLU A 152 -10.64 -20.25 -20.96
CA GLU A 152 -9.94 -20.87 -19.83
C GLU A 152 -9.64 -22.34 -20.18
N LYS A 153 -10.63 -23.05 -20.73
CA LYS A 153 -10.49 -24.49 -21.02
C LYS A 153 -9.43 -24.64 -22.12
N LYS A 154 -9.48 -23.82 -23.18
CA LYS A 154 -8.54 -23.91 -24.32
C LYS A 154 -7.12 -23.56 -23.90
N ILE A 155 -6.94 -22.53 -23.09
CA ILE A 155 -5.59 -22.18 -22.58
C ILE A 155 -5.05 -23.31 -21.69
N SER A 156 -5.88 -23.86 -20.80
CA SER A 156 -5.49 -24.94 -19.89
C SER A 156 -5.07 -26.17 -20.71
N GLU A 157 -5.83 -26.48 -21.76
CA GLU A 157 -5.51 -27.62 -22.67
C GLU A 157 -4.16 -27.39 -23.35
N ALA A 158 -3.89 -26.18 -23.86
CA ALA A 158 -2.64 -25.87 -24.56
C ALA A 158 -1.47 -26.02 -23.58
N ILE A 159 -1.62 -25.56 -22.34
CA ILE A 159 -0.54 -25.68 -21.33
C ILE A 159 -0.29 -27.18 -21.10
N GLN A 160 -1.35 -27.94 -20.85
CA GLN A 160 -1.25 -29.37 -20.41
C GLN A 160 -0.65 -30.21 -21.56
N MET A 161 -0.96 -29.86 -22.82
CA MET A 161 -0.48 -30.55 -24.04
C MET A 161 1.04 -30.66 -24.08
N ARG A 162 1.77 -29.65 -23.59
CA ARG A 162 3.24 -29.53 -23.78
C ARG A 162 4.00 -30.07 -22.55
N THR A 163 3.30 -30.53 -21.50
CA THR A 163 3.89 -31.04 -20.23
C THR A 163 4.08 -32.56 -20.28
N GLY B 1 -4.05 -30.91 15.07
CA GLY B 1 -4.87 -30.01 15.95
C GLY B 1 -4.02 -28.93 16.59
N ALA B 2 -4.68 -27.88 17.10
CA ALA B 2 -4.07 -26.85 17.97
C ALA B 2 -3.61 -27.54 19.25
N MET B 3 -2.54 -27.07 19.91
CA MET B 3 -1.99 -27.80 21.09
C MET B 3 -2.97 -27.67 22.25
N ALA B 4 -3.69 -26.56 22.32
CA ALA B 4 -4.80 -26.34 23.27
C ALA B 4 -5.95 -25.70 22.50
N PRO B 5 -6.80 -26.52 21.83
CA PRO B 5 -7.88 -25.99 21.00
C PRO B 5 -8.64 -24.86 21.72
N SER B 6 -8.87 -23.73 21.05
CA SER B 6 -9.50 -22.53 21.63
C SER B 6 -10.58 -22.01 20.65
N TYR B 7 -11.44 -21.19 21.22
CA TYR B 7 -12.30 -20.21 20.52
C TYR B 7 -11.82 -18.78 20.81
N ARG B 8 -11.73 -17.95 19.74
CA ARG B 8 -11.34 -16.51 19.80
C ARG B 8 -12.32 -15.71 18.92
N VAL B 9 -12.50 -14.42 19.20
CA VAL B 9 -13.34 -13.52 18.34
C VAL B 9 -12.48 -12.31 17.90
N LYS B 10 -12.61 -11.92 16.64
CA LYS B 10 -11.90 -10.74 16.07
C LYS B 10 -12.95 -9.92 15.34
N ARG B 11 -12.94 -8.60 15.56
CA ARG B 11 -13.86 -7.67 14.88
C ARG B 11 -13.11 -7.02 13.71
N MET B 12 -13.12 -7.68 12.53
CA MET B 12 -12.44 -7.21 11.30
C MET B 12 -12.96 -7.98 10.09
N ASP B 13 -12.48 -7.59 8.91
CA ASP B 13 -12.73 -8.21 7.59
C ASP B 13 -12.14 -9.63 7.59
N ILE B 14 -12.99 -10.64 7.43
CA ILE B 14 -12.56 -12.05 7.47
C ILE B 14 -11.63 -12.34 6.27
N ALA B 15 -11.63 -11.50 5.24
CA ALA B 15 -10.64 -11.65 4.12
C ALA B 15 -9.17 -11.43 4.58
N LYS B 16 -8.96 -10.75 5.71
CA LYS B 16 -7.61 -10.48 6.28
C LYS B 16 -7.32 -11.44 7.44
N ASN B 17 -7.98 -12.60 7.46
CA ASN B 17 -7.73 -13.64 8.49
C ASN B 17 -6.30 -14.20 8.39
N ASP B 18 -5.76 -14.62 9.54
CA ASP B 18 -4.43 -15.27 9.70
C ASP B 18 -4.61 -16.77 10.01
N GLU B 19 -5.74 -17.39 9.63
CA GLU B 19 -5.98 -18.82 9.88
C GLU B 19 -5.69 -19.63 8.63
N GLU B 20 -5.70 -20.94 8.79
CA GLU B 20 -5.28 -21.89 7.72
C GLU B 20 -6.41 -22.14 6.74
N CYS B 21 -7.61 -21.61 7.01
CA CYS B 21 -8.74 -21.69 6.06
C CYS B 21 -9.83 -20.71 6.49
N VAL B 22 -10.75 -20.49 5.56
CA VAL B 22 -11.85 -19.50 5.73
C VAL B 22 -13.16 -20.20 5.41
N VAL B 23 -14.18 -19.85 6.20
CA VAL B 23 -15.61 -20.18 5.93
C VAL B 23 -16.30 -18.95 5.34
N ASN B 24 -16.77 -19.10 4.13
CA ASN B 24 -17.60 -18.08 3.43
C ASN B 24 -19.05 -18.29 3.89
N ALA B 25 -19.74 -17.21 4.18
CA ALA B 25 -21.21 -17.23 4.34
C ALA B 25 -21.82 -17.10 2.95
N ALA B 26 -21.92 -18.24 2.25
CA ALA B 26 -22.20 -18.36 0.81
C ALA B 26 -23.70 -18.30 0.52
N ASN B 27 -24.03 -17.93 -0.72
CA ASN B 27 -25.35 -18.23 -1.27
C ASN B 27 -25.30 -19.57 -1.98
N PRO B 28 -26.43 -20.21 -2.27
CA PRO B 28 -26.46 -21.53 -2.92
C PRO B 28 -25.90 -21.58 -4.36
N ARG B 29 -25.76 -20.43 -5.03
CA ARG B 29 -25.49 -20.38 -6.50
C ARG B 29 -24.04 -20.02 -6.77
N GLY B 30 -23.24 -19.81 -5.73
CA GLY B 30 -21.84 -19.40 -5.88
C GLY B 30 -21.70 -18.05 -6.54
N LEU B 31 -22.61 -17.14 -6.21
CA LEU B 31 -22.62 -15.78 -6.74
C LEU B 31 -21.93 -14.89 -5.72
N PRO B 32 -21.28 -13.82 -6.20
CA PRO B 32 -20.87 -12.73 -5.30
C PRO B 32 -22.13 -12.27 -4.57
N GLY B 33 -22.00 -11.79 -3.33
N GLY B 33 -21.97 -11.87 -3.30
CA GLY B 33 -23.15 -11.47 -2.46
CA GLY B 33 -23.08 -11.50 -2.42
C GLY B 33 -22.92 -10.24 -1.60
C GLY B 33 -22.67 -10.43 -1.43
N ASP B 34 -23.48 -10.26 -0.40
CA ASP B 34 -23.39 -9.14 0.57
C ASP B 34 -22.43 -9.55 1.69
N GLY B 35 -21.99 -8.57 2.46
CA GLY B 35 -21.22 -8.78 3.70
C GLY B 35 -20.01 -9.66 3.47
N VAL B 36 -19.86 -10.71 4.30
CA VAL B 36 -18.69 -11.65 4.23
C VAL B 36 -18.47 -12.14 2.80
N CYS B 37 -19.52 -12.55 2.09
CA CYS B 37 -19.39 -13.15 0.76
C CYS B 37 -18.73 -12.15 -0.20
N LYS B 38 -19.12 -10.88 -0.11
CA LYS B 38 -18.55 -9.78 -0.96
C LYS B 38 -17.03 -9.74 -0.73
N ALA B 39 -16.63 -9.74 0.54
CA ALA B 39 -15.21 -9.69 0.97
C ALA B 39 -14.42 -10.92 0.48
N VAL B 40 -15.00 -12.11 0.54
CA VAL B 40 -14.37 -13.36 0.05
C VAL B 40 -14.28 -13.36 -1.46
N TYR B 41 -15.26 -12.82 -2.18
CA TYR B 41 -15.18 -12.78 -3.66
C TYR B 41 -14.09 -11.81 -4.13
N LYS B 42 -13.86 -10.76 -3.34
CA LYS B 42 -12.86 -9.71 -3.64
C LYS B 42 -11.47 -10.37 -3.73
N LYS B 43 -11.20 -11.34 -2.85
CA LYS B 43 -9.84 -11.90 -2.71
C LYS B 43 -9.72 -13.26 -3.39
N TRP B 44 -10.75 -14.14 -3.28
CA TRP B 44 -10.71 -15.52 -3.78
C TRP B 44 -11.81 -15.77 -4.79
N PRO B 45 -11.94 -14.95 -5.85
CA PRO B 45 -13.01 -15.18 -6.80
C PRO B 45 -12.91 -16.53 -7.49
N GLU B 46 -11.69 -17.02 -7.77
CA GLU B 46 -11.52 -18.35 -8.43
C GLU B 46 -11.97 -19.47 -7.47
N SER B 47 -12.14 -19.15 -6.20
CA SER B 47 -12.78 -20.10 -5.24
C SER B 47 -14.28 -20.23 -5.49
N PHE B 48 -14.90 -19.42 -6.36
CA PHE B 48 -16.34 -19.57 -6.68
C PHE B 48 -16.54 -20.51 -7.86
N LYS B 49 -15.45 -21.02 -8.44
CA LYS B 49 -15.59 -21.96 -9.56
C LYS B 49 -16.28 -23.22 -9.04
N ASN B 50 -17.50 -23.46 -9.50
CA ASN B 50 -18.26 -24.70 -9.20
C ASN B 50 -18.48 -24.79 -7.68
N SER B 51 -18.68 -23.65 -7.03
CA SER B 51 -18.96 -23.60 -5.56
C SER B 51 -20.45 -23.73 -5.23
N ALA B 52 -21.37 -23.73 -6.22
CA ALA B 52 -22.82 -23.80 -5.95
C ALA B 52 -23.12 -25.09 -5.16
N THR B 53 -23.97 -25.03 -4.15
CA THR B 53 -24.22 -26.17 -3.24
C THR B 53 -25.51 -25.84 -2.50
N PRO B 54 -26.32 -26.84 -2.09
CA PRO B 54 -27.60 -26.58 -1.46
C PRO B 54 -27.50 -25.91 -0.09
N VAL B 55 -28.63 -25.33 0.32
CA VAL B 55 -28.77 -24.81 1.70
C VAL B 55 -28.48 -25.96 2.68
N GLY B 56 -27.78 -25.68 3.77
CA GLY B 56 -27.49 -26.70 4.79
C GLY B 56 -26.24 -27.48 4.50
N THR B 57 -25.48 -27.10 3.47
CA THR B 57 -24.24 -27.83 3.08
C THR B 57 -23.05 -26.89 3.01
N ALA B 58 -21.87 -27.48 2.94
CA ALA B 58 -20.59 -26.78 2.74
C ALA B 58 -19.84 -27.46 1.61
N LYS B 59 -19.25 -26.64 0.74
CA LYS B 59 -18.43 -27.09 -0.40
C LYS B 59 -17.10 -26.36 -0.38
N THR B 60 -15.96 -27.08 -0.36
CA THR B 60 -14.61 -26.46 -0.24
C THR B 60 -13.98 -26.38 -1.63
N VAL B 61 -13.47 -25.22 -1.95
CA VAL B 61 -12.71 -24.98 -3.22
C VAL B 61 -11.35 -24.51 -2.80
N MET B 62 -10.31 -25.23 -3.28
CA MET B 62 -8.90 -24.92 -3.01
C MET B 62 -8.45 -23.80 -3.95
N CYS B 63 -7.86 -22.76 -3.36
CA CYS B 63 -7.07 -21.73 -4.05
C CYS B 63 -5.59 -22.02 -3.76
N GLY B 64 -4.96 -22.83 -4.61
CA GLY B 64 -3.60 -23.32 -4.30
C GLY B 64 -3.68 -24.20 -3.08
N THR B 65 -3.05 -23.82 -1.97
CA THR B 65 -3.08 -24.66 -0.75
C THR B 65 -4.12 -24.13 0.24
N TYR B 66 -4.78 -23.00 -0.07
CA TYR B 66 -5.68 -22.30 0.89
C TYR B 66 -7.14 -22.74 0.66
N PRO B 67 -7.79 -23.42 1.63
CA PRO B 67 -9.18 -23.85 1.47
C PRO B 67 -10.20 -22.73 1.82
N VAL B 68 -11.16 -22.57 0.91
CA VAL B 68 -12.36 -21.72 1.07
C VAL B 68 -13.55 -22.66 1.22
N ILE B 69 -14.15 -22.65 2.42
CA ILE B 69 -15.30 -23.54 2.74
C ILE B 69 -16.59 -22.72 2.56
N HIS B 70 -17.28 -22.96 1.47
CA HIS B 70 -18.55 -22.22 1.17
C HIS B 70 -19.66 -22.87 1.99
N ALA B 71 -20.12 -22.21 3.06
CA ALA B 71 -21.19 -22.75 3.95
C ALA B 71 -22.50 -21.99 3.68
N VAL B 72 -23.52 -22.74 3.28
CA VAL B 72 -24.82 -22.10 2.87
C VAL B 72 -25.83 -22.17 4.03
N GLY B 73 -25.93 -21.10 4.79
CA GLY B 73 -27.00 -20.95 5.79
C GLY B 73 -28.32 -20.57 5.12
N PRO B 74 -29.46 -20.84 5.81
CA PRO B 74 -30.77 -20.54 5.24
C PRO B 74 -31.00 -19.03 5.28
N ASN B 75 -31.81 -18.57 4.30
CA ASN B 75 -32.39 -17.20 4.30
C ASN B 75 -33.72 -17.28 5.07
N PHE B 76 -33.75 -16.72 6.26
CA PHE B 76 -34.97 -16.74 7.12
C PHE B 76 -36.06 -15.85 6.51
N SER B 77 -35.81 -15.09 5.45
CA SER B 77 -36.93 -14.46 4.68
C SER B 77 -37.75 -15.56 3.98
N ASN B 78 -37.17 -16.73 3.68
CA ASN B 78 -37.78 -17.79 2.85
C ASN B 78 -38.13 -19.03 3.66
N TYR B 79 -37.33 -19.37 4.64
CA TYR B 79 -37.52 -20.56 5.51
C TYR B 79 -38.37 -20.15 6.71
N THR B 80 -39.21 -21.06 7.19
CA THR B 80 -39.82 -20.91 8.52
C THR B 80 -38.79 -20.98 9.63
N GLU B 81 -39.13 -20.53 10.82
CA GLU B 81 -38.22 -20.61 11.99
C GLU B 81 -37.82 -22.08 12.17
N SER B 82 -38.76 -23.01 12.05
CA SER B 82 -38.47 -24.44 12.34
C SER B 82 -37.50 -24.97 11.28
N GLU B 83 -37.81 -24.77 10.01
CA GLU B 83 -37.03 -25.40 8.93
C GLU B 83 -35.67 -24.71 8.84
N GLY B 84 -35.63 -23.41 9.09
CA GLY B 84 -34.39 -22.60 9.08
C GLY B 84 -33.47 -23.05 10.19
N ASP B 85 -34.01 -23.30 11.38
CA ASP B 85 -33.15 -23.69 12.52
C ASP B 85 -32.43 -24.99 12.16
N ARG B 86 -33.13 -25.93 11.52
CA ARG B 86 -32.57 -27.24 11.15
C ARG B 86 -31.46 -27.03 10.10
N GLU B 87 -31.70 -26.22 9.06
CA GLU B 87 -30.71 -26.02 7.97
C GLU B 87 -29.49 -25.29 8.51
N LEU B 88 -29.67 -24.39 9.47
CA LEU B 88 -28.56 -23.58 10.02
C LEU B 88 -27.67 -24.53 10.86
N ALA B 89 -28.26 -25.40 11.66
CA ALA B 89 -27.49 -26.43 12.40
C ALA B 89 -26.72 -27.29 11.38
N ALA B 90 -27.37 -27.72 10.31
CA ALA B 90 -26.81 -28.63 9.29
C ALA B 90 -25.59 -27.97 8.62
N ALA B 91 -25.67 -26.68 8.26
CA ALA B 91 -24.55 -26.00 7.59
C ALA B 91 -23.34 -26.07 8.50
N TYR B 92 -23.50 -25.78 9.79
CA TYR B 92 -22.34 -25.80 10.71
C TYR B 92 -21.83 -27.23 10.89
N ARG B 93 -22.68 -28.24 10.93
CA ARG B 93 -22.19 -29.63 11.02
C ARG B 93 -21.30 -29.96 9.81
N GLU B 94 -21.68 -29.51 8.62
N GLU B 94 -21.68 -29.50 8.62
CA GLU B 94 -20.87 -29.72 7.38
CA GLU B 94 -20.88 -29.74 7.39
C GLU B 94 -19.55 -28.95 7.48
C GLU B 94 -19.56 -28.94 7.46
N VAL B 95 -19.56 -27.74 8.05
CA VAL B 95 -18.31 -26.99 8.27
C VAL B 95 -17.37 -27.83 9.17
N ALA B 96 -17.85 -28.40 10.25
CA ALA B 96 -17.01 -29.21 11.17
C ALA B 96 -16.38 -30.39 10.43
N LYS B 97 -17.15 -31.12 9.62
CA LYS B 97 -16.67 -32.26 8.81
C LYS B 97 -15.57 -31.79 7.87
N GLU B 98 -15.76 -30.66 7.19
CA GLU B 98 -14.76 -30.14 6.23
C GLU B 98 -13.48 -29.75 6.96
N VAL B 99 -13.57 -29.00 8.07
CA VAL B 99 -12.40 -28.57 8.83
C VAL B 99 -11.64 -29.82 9.28
N THR B 100 -12.34 -30.86 9.69
CA THR B 100 -11.70 -32.13 10.18
C THR B 100 -10.97 -32.74 8.97
N ARG B 101 -11.67 -32.87 7.86
CA ARG B 101 -11.12 -33.55 6.65
C ARG B 101 -9.85 -32.84 6.17
N LEU B 102 -9.82 -31.53 6.25
CA LEU B 102 -8.74 -30.67 5.69
C LEU B 102 -7.49 -30.78 6.57
N GLY B 103 -7.67 -31.14 7.83
CA GLY B 103 -6.56 -31.31 8.79
C GLY B 103 -5.91 -30.00 9.18
N VAL B 104 -6.60 -28.86 9.00
CA VAL B 104 -6.12 -27.53 9.41
C VAL B 104 -6.06 -27.50 10.93
N ASN B 105 -5.22 -26.63 11.46
CA ASN B 105 -5.07 -26.35 12.90
C ASN B 105 -5.82 -25.09 13.28
N SER B 106 -6.34 -24.34 12.30
CA SER B 106 -7.13 -23.12 12.59
C SER B 106 -8.12 -22.88 11.45
N VAL B 107 -9.16 -22.09 11.77
CA VAL B 107 -10.25 -21.74 10.81
C VAL B 107 -10.87 -20.43 11.26
N ALA B 108 -11.13 -19.55 10.28
CA ALA B 108 -11.83 -18.28 10.42
C ALA B 108 -13.29 -18.52 10.01
N ILE B 109 -14.24 -18.23 10.88
N ILE B 109 -14.24 -18.23 10.91
CA ILE B 109 -15.67 -18.53 10.62
CA ILE B 109 -15.69 -18.55 10.75
C ILE B 109 -16.54 -17.34 11.00
C ILE B 109 -16.52 -17.29 11.00
N PRO B 110 -17.50 -16.94 10.14
CA PRO B 110 -18.47 -15.90 10.50
C PRO B 110 -19.74 -16.54 11.09
N LEU B 111 -20.65 -15.73 11.65
CA LEU B 111 -21.95 -16.22 12.17
C LEU B 111 -22.92 -16.31 11.01
N LEU B 112 -23.21 -17.52 10.57
CA LEU B 112 -24.11 -17.78 9.44
C LEU B 112 -25.54 -17.30 9.76
N SER B 113 -26.18 -16.77 8.72
CA SER B 113 -27.60 -16.33 8.72
C SER B 113 -27.84 -15.12 9.67
N THR B 114 -26.83 -14.30 9.99
CA THR B 114 -26.97 -13.15 10.94
C THR B 114 -27.06 -11.83 10.18
N GLY B 115 -26.75 -11.80 8.89
CA GLY B 115 -26.79 -10.56 8.08
C GLY B 115 -28.06 -10.51 7.24
N VAL B 116 -27.89 -10.37 5.92
CA VAL B 116 -29.02 -10.26 4.95
C VAL B 116 -29.94 -11.49 5.07
N TYR B 117 -29.43 -12.67 5.46
CA TYR B 117 -30.29 -13.90 5.61
C TYR B 117 -31.01 -13.96 6.97
N SER B 118 -30.93 -12.96 7.85
CA SER B 118 -31.52 -13.01 9.21
C SER B 118 -33.05 -12.88 9.24
N GLY B 119 -33.65 -12.42 8.14
CA GLY B 119 -35.09 -12.14 8.11
C GLY B 119 -35.44 -10.99 9.04
N GLY B 120 -34.51 -10.07 9.27
CA GLY B 120 -34.70 -8.89 10.13
C GLY B 120 -34.64 -9.18 11.62
N LYS B 121 -34.19 -10.37 12.07
CA LYS B 121 -34.15 -10.76 13.49
C LYS B 121 -32.69 -10.83 13.97
N ASP B 122 -32.47 -10.53 15.24
CA ASP B 122 -31.14 -10.68 15.92
C ASP B 122 -30.89 -12.17 16.15
N ARG B 123 -29.92 -12.78 15.44
CA ARG B 123 -29.71 -14.26 15.51
C ARG B 123 -28.31 -14.58 16.07
N LEU B 124 -27.68 -13.64 16.79
CA LEU B 124 -26.34 -13.89 17.37
C LEU B 124 -26.37 -15.18 18.19
N THR B 125 -27.27 -15.29 19.18
CA THR B 125 -27.25 -16.43 20.14
C THR B 125 -27.59 -17.73 19.41
N GLN B 126 -28.60 -17.71 18.55
CA GLN B 126 -28.99 -18.89 17.76
C GLN B 126 -27.80 -19.39 16.92
N SER B 127 -27.18 -18.50 16.18
CA SER B 127 -26.12 -18.88 15.21
C SER B 127 -24.88 -19.33 16.00
N LEU B 128 -24.54 -18.63 17.08
CA LEU B 128 -23.35 -18.99 17.89
C LEU B 128 -23.59 -20.36 18.55
N ASN B 129 -24.79 -20.62 19.02
CA ASN B 129 -25.13 -21.92 19.67
C ASN B 129 -24.91 -23.05 18.65
N HIS B 130 -25.36 -22.89 17.40
CA HIS B 130 -25.18 -23.95 16.38
C HIS B 130 -23.69 -24.08 16.01
N LEU B 131 -22.93 -22.99 16.04
CA LEU B 131 -21.49 -23.00 15.71
C LEU B 131 -20.80 -23.86 16.80
N PHE B 132 -21.05 -23.55 18.07
CA PHE B 132 -20.48 -24.35 19.18
C PHE B 132 -20.90 -25.82 19.06
N THR B 133 -22.19 -26.11 18.88
CA THR B 133 -22.66 -27.52 18.83
C THR B 133 -21.85 -28.33 17.81
N ALA B 134 -21.54 -27.73 16.66
CA ALA B 134 -20.78 -28.39 15.58
C ALA B 134 -19.29 -28.41 15.91
N MET B 135 -18.73 -27.28 16.32
CA MET B 135 -17.26 -27.14 16.33
C MET B 135 -16.70 -27.68 17.66
N ASP B 136 -17.50 -27.92 18.69
CA ASP B 136 -16.94 -28.27 20.02
C ASP B 136 -16.08 -29.55 19.95
N SER B 137 -16.47 -30.52 19.12
CA SER B 137 -15.77 -31.83 19.01
C SER B 137 -14.51 -31.73 18.15
N THR B 138 -14.30 -30.64 17.43
CA THR B 138 -13.10 -30.46 16.55
C THR B 138 -11.94 -29.90 17.38
N ASP B 139 -10.69 -30.11 16.93
CA ASP B 139 -9.51 -29.61 17.68
C ASP B 139 -8.82 -28.45 16.98
N ALA B 140 -9.45 -27.85 15.96
CA ALA B 140 -8.90 -26.64 15.33
C ALA B 140 -9.10 -25.45 16.26
N ASP B 141 -8.15 -24.52 16.24
CA ASP B 141 -8.38 -23.16 16.78
C ASP B 141 -9.44 -22.48 15.92
N VAL B 142 -10.51 -22.07 16.55
CA VAL B 142 -11.63 -21.37 15.86
C VAL B 142 -11.56 -19.88 16.17
N VAL B 143 -11.56 -19.08 15.11
CA VAL B 143 -11.58 -17.60 15.17
C VAL B 143 -12.88 -17.11 14.50
N ILE B 144 -13.77 -16.61 15.35
CA ILE B 144 -15.09 -16.06 14.92
C ILE B 144 -14.92 -14.60 14.52
N TYR B 145 -15.33 -14.24 13.30
CA TYR B 145 -15.24 -12.85 12.79
C TYR B 145 -16.59 -12.18 12.95
N CYS B 146 -16.59 -10.91 13.33
CA CYS B 146 -17.81 -10.05 13.39
C CYS B 146 -17.40 -8.62 13.03
N ARG B 147 -18.34 -7.71 12.88
CA ARG B 147 -18.01 -6.29 12.52
C ARG B 147 -18.53 -5.33 13.60
N ASP B 148 -19.56 -5.72 14.32
CA ASP B 148 -20.25 -4.84 15.30
C ASP B 148 -19.53 -4.94 16.65
N LYS B 149 -19.25 -3.79 17.28
CA LYS B 149 -18.57 -3.75 18.61
C LYS B 149 -19.43 -4.40 19.69
N GLU B 150 -20.76 -4.24 19.66
CA GLU B 150 -21.66 -4.84 20.67
C GLU B 150 -21.71 -6.37 20.45
N TRP B 151 -21.70 -6.81 19.20
CA TRP B 151 -21.67 -8.27 18.88
C TRP B 151 -20.33 -8.87 19.36
N GLU B 152 -19.21 -8.21 19.08
CA GLU B 152 -17.88 -8.66 19.56
C GLU B 152 -17.92 -8.90 21.06
N LYS B 153 -18.47 -7.95 21.81
CA LYS B 153 -18.60 -8.06 23.28
C LYS B 153 -19.41 -9.30 23.65
N LYS B 154 -20.59 -9.50 23.05
CA LYS B 154 -21.50 -10.62 23.43
C LYS B 154 -20.89 -11.97 23.01
N ILE B 155 -20.18 -12.04 21.90
CA ILE B 155 -19.52 -13.32 21.44
C ILE B 155 -18.38 -13.66 22.43
N SER B 156 -17.53 -12.69 22.71
CA SER B 156 -16.44 -12.78 23.71
C SER B 156 -17.00 -13.29 25.04
N GLU B 157 -18.11 -12.71 25.50
CA GLU B 157 -18.76 -13.03 26.80
C GLU B 157 -19.27 -14.48 26.80
N ALA B 158 -19.85 -14.92 25.69
CA ALA B 158 -20.35 -16.31 25.54
C ALA B 158 -19.15 -17.28 25.57
N ILE B 159 -18.03 -16.94 24.94
CA ILE B 159 -16.82 -17.84 24.92
C ILE B 159 -16.28 -18.04 26.35
N GLN B 160 -16.02 -16.93 27.05
CA GLN B 160 -15.31 -16.94 28.37
C GLN B 160 -16.19 -17.58 29.45
N MET B 161 -17.51 -17.49 29.30
CA MET B 161 -18.53 -18.02 30.24
C MET B 161 -18.44 -19.55 30.34
N ARG B 162 -18.07 -20.24 29.26
CA ARG B 162 -18.11 -21.72 29.16
C ARG B 162 -16.91 -22.39 29.82
N THR B 163 -15.83 -21.62 30.06
CA THR B 163 -14.48 -22.08 30.44
C THR B 163 -14.22 -21.76 31.92
N GLY C 1 11.86 19.47 16.41
CA GLY C 1 12.75 18.76 15.40
C GLY C 1 14.18 18.59 15.87
N ALA C 2 14.88 17.56 15.39
CA ALA C 2 16.34 17.42 15.55
C ALA C 2 17.00 18.54 14.75
N MET C 3 18.13 19.08 15.26
CA MET C 3 18.84 20.19 14.58
C MET C 3 19.34 19.76 13.18
N ALA C 4 19.73 18.50 13.01
CA ALA C 4 20.19 17.95 11.71
C ALA C 4 19.60 16.54 11.58
N PRO C 5 18.31 16.43 11.21
CA PRO C 5 17.60 15.12 11.19
C PRO C 5 18.41 14.04 10.50
N SER C 6 18.57 12.87 11.12
CA SER C 6 19.40 11.76 10.61
C SER C 6 18.65 10.44 10.62
N TYR C 7 19.23 9.47 9.93
CA TYR C 7 18.94 8.03 10.08
C TYR C 7 20.14 7.31 10.67
N ARG C 8 19.91 6.39 11.58
CA ARG C 8 20.95 5.50 12.14
C ARG C 8 20.38 4.10 12.23
N VAL C 9 21.23 3.09 12.28
CA VAL C 9 20.78 1.71 12.56
C VAL C 9 21.56 1.15 13.76
N LYS C 10 20.84 0.41 14.59
CA LYS C 10 21.42 -0.31 15.74
C LYS C 10 20.98 -1.77 15.70
N ARG C 11 21.96 -2.65 15.95
CA ARG C 11 21.72 -4.09 16.22
C ARG C 11 21.54 -4.27 17.74
N MET C 12 20.30 -4.26 18.22
CA MET C 12 19.96 -4.08 19.64
C MET C 12 18.46 -4.31 19.83
N ASP C 13 18.07 -4.77 21.03
CA ASP C 13 16.65 -4.94 21.44
C ASP C 13 16.00 -3.55 21.48
N ILE C 14 14.93 -3.38 20.69
CA ILE C 14 14.22 -2.09 20.59
C ILE C 14 13.61 -1.75 21.95
N ALA C 15 13.41 -2.76 22.80
CA ALA C 15 12.81 -2.51 24.12
C ALA C 15 13.77 -1.74 25.03
N LYS C 16 15.03 -1.63 24.63
N LYS C 16 15.05 -1.64 24.69
CA LYS C 16 16.12 -0.93 25.36
CA LYS C 16 16.04 -0.84 25.45
C LYS C 16 16.55 0.33 24.59
C LYS C 16 16.54 0.32 24.59
N ASN C 17 15.71 0.85 23.68
CA ASN C 17 16.06 2.03 22.88
C ASN C 17 16.38 3.30 23.71
N ASP C 18 17.05 4.23 23.07
CA ASP C 18 17.48 5.56 23.63
C ASP C 18 16.74 6.72 22.95
N GLU C 19 15.55 6.49 22.43
CA GLU C 19 14.78 7.52 21.74
C GLU C 19 13.55 7.96 22.54
N GLU C 20 12.89 9.02 22.04
CA GLU C 20 11.73 9.65 22.76
C GLU C 20 10.43 8.88 22.58
N CYS C 21 10.35 7.94 21.65
CA CYS C 21 9.18 7.08 21.45
C CYS C 21 9.57 5.84 20.64
N VAL C 22 8.70 4.84 20.65
CA VAL C 22 8.97 3.54 19.99
C VAL C 22 7.82 3.20 19.04
N VAL C 23 8.17 2.54 17.96
CA VAL C 23 7.18 1.89 17.05
C VAL C 23 7.16 0.42 17.33
N ASN C 24 5.94 -0.07 17.65
CA ASN C 24 5.72 -1.51 17.85
C ASN C 24 5.26 -2.12 16.53
N ALA C 25 5.85 -3.22 16.15
CA ALA C 25 5.35 -4.01 14.99
C ALA C 25 4.17 -4.83 15.50
N ALA C 26 3.01 -4.21 15.48
CA ALA C 26 1.76 -4.65 16.18
C ALA C 26 0.96 -5.63 15.31
N ASN C 27 -0.04 -6.26 15.95
CA ASN C 27 -1.04 -7.12 15.27
C ASN C 27 -2.37 -6.37 15.40
N PRO C 28 -3.31 -6.54 14.46
CA PRO C 28 -4.53 -5.73 14.48
C PRO C 28 -5.39 -5.88 15.76
N ARG C 29 -5.18 -6.96 16.51
CA ARG C 29 -6.00 -7.29 17.71
C ARG C 29 -5.43 -6.57 18.95
N GLY C 30 -4.18 -6.13 18.88
CA GLY C 30 -3.55 -5.50 20.04
C GLY C 30 -3.10 -6.49 21.09
N LEU C 31 -2.78 -7.72 20.67
CA LEU C 31 -2.32 -8.82 21.56
C LEU C 31 -0.81 -8.73 21.73
N PRO C 32 -0.26 -9.19 22.88
CA PRO C 32 1.18 -9.32 23.08
C PRO C 32 1.96 -9.92 21.90
N GLY C 33 1.31 -10.76 21.09
CA GLY C 33 1.87 -11.29 19.83
C GLY C 33 3.20 -12.00 20.04
N ASP C 34 4.14 -11.84 19.10
CA ASP C 34 5.51 -12.44 19.13
C ASP C 34 6.51 -11.48 18.48
N GLY C 35 7.79 -11.80 18.54
CA GLY C 35 8.88 -10.98 17.95
C GLY C 35 9.05 -9.67 18.68
N VAL C 36 9.18 -8.55 17.94
CA VAL C 36 9.25 -7.17 18.49
C VAL C 36 8.04 -6.94 19.40
N CYS C 37 6.84 -7.39 18.99
CA CYS C 37 5.56 -7.16 19.70
C CYS C 37 5.61 -7.74 21.13
N LYS C 38 6.28 -8.89 21.32
CA LYS C 38 6.39 -9.60 22.63
C LYS C 38 7.24 -8.80 23.62
N ALA C 39 8.51 -8.54 23.31
CA ALA C 39 9.48 -7.79 24.14
C ALA C 39 8.94 -6.39 24.43
N VAL C 40 8.21 -5.80 23.47
CA VAL C 40 7.55 -4.49 23.62
C VAL C 40 6.45 -4.64 24.69
N TYR C 41 5.69 -5.73 24.63
CA TYR C 41 4.61 -6.02 25.61
C TYR C 41 5.24 -6.15 27.01
N LYS C 42 6.41 -6.76 27.12
CA LYS C 42 7.06 -7.00 28.45
C LYS C 42 7.56 -5.65 29.00
N LYS C 43 8.07 -4.75 28.15
CA LYS C 43 8.60 -3.42 28.59
C LYS C 43 7.47 -2.42 28.88
N TRP C 44 6.45 -2.37 28.03
CA TRP C 44 5.38 -1.34 28.09
C TRP C 44 4.01 -1.95 28.04
N PRO C 45 3.67 -2.87 28.97
CA PRO C 45 2.37 -3.55 28.93
C PRO C 45 1.17 -2.59 28.98
N GLU C 46 1.27 -1.47 29.71
CA GLU C 46 0.18 -0.47 29.83
C GLU C 46 -0.21 0.13 28.48
N SER C 47 0.71 0.12 27.50
CA SER C 47 0.45 0.68 26.16
C SER C 47 -0.46 -0.24 25.33
N PHE C 48 -0.75 -1.46 25.79
CA PHE C 48 -1.61 -2.46 25.07
C PHE C 48 -3.09 -2.31 25.46
N LYS C 49 -3.40 -1.34 26.32
CA LYS C 49 -4.80 -0.91 26.62
C LYS C 49 -5.47 -0.29 25.37
N ASN C 50 -6.41 -1.01 24.75
CA ASN C 50 -7.17 -0.52 23.57
C ASN C 50 -6.22 -0.11 22.44
N SER C 51 -5.18 -0.92 22.24
CA SER C 51 -4.18 -0.69 21.17
C SER C 51 -4.63 -1.27 19.83
N ALA C 52 -5.71 -2.06 19.79
CA ALA C 52 -6.18 -2.67 18.52
C ALA C 52 -6.34 -1.58 17.47
N THR C 53 -5.89 -1.83 16.24
CA THR C 53 -5.99 -0.91 15.09
C THR C 53 -5.84 -1.72 13.81
N PRO C 54 -6.50 -1.31 12.70
CA PRO C 54 -6.49 -2.14 11.48
C PRO C 54 -5.14 -2.18 10.75
N VAL C 55 -4.98 -3.22 9.93
CA VAL C 55 -3.83 -3.34 8.97
C VAL C 55 -3.72 -2.03 8.20
N GLY C 56 -2.49 -1.52 8.04
CA GLY C 56 -2.26 -0.28 7.29
C GLY C 56 -2.36 1.01 8.10
N THR C 57 -2.54 0.89 9.41
CA THR C 57 -2.72 2.05 10.33
C THR C 57 -1.73 1.99 11.48
N ALA C 58 -1.69 3.10 12.23
CA ALA C 58 -0.90 3.20 13.47
C ALA C 58 -1.75 3.90 14.53
N LYS C 59 -1.63 3.44 15.78
CA LYS C 59 -2.34 4.03 16.93
C LYS C 59 -1.35 4.18 18.07
N THR C 60 -1.24 5.39 18.62
CA THR C 60 -0.35 5.67 19.76
C THR C 60 -1.07 5.47 21.10
N VAL C 61 -0.45 4.69 22.00
CA VAL C 61 -0.91 4.60 23.42
C VAL C 61 0.29 4.90 24.32
N MET C 62 0.06 5.77 25.31
CA MET C 62 1.08 6.14 26.32
C MET C 62 1.28 5.00 27.31
N CYS C 63 2.53 4.75 27.68
CA CYS C 63 2.90 3.93 28.84
C CYS C 63 3.50 4.94 29.83
N GLY C 64 2.73 5.42 30.81
CA GLY C 64 3.14 6.66 31.54
C GLY C 64 3.08 7.87 30.63
N THR C 65 4.20 8.52 30.30
CA THR C 65 4.26 9.59 29.29
C THR C 65 5.05 9.10 28.04
N TYR C 66 5.48 7.86 28.01
CA TYR C 66 6.36 7.36 26.93
C TYR C 66 5.45 6.84 25.81
N PRO C 67 5.46 7.45 24.59
CA PRO C 67 4.56 7.00 23.53
C PRO C 67 5.02 5.70 22.87
N VAL C 68 4.08 4.75 22.77
CA VAL C 68 4.20 3.52 21.96
C VAL C 68 3.28 3.63 20.75
N ILE C 69 3.87 3.64 19.55
CA ILE C 69 3.12 3.80 18.29
C ILE C 69 2.92 2.39 17.74
N HIS C 70 1.69 1.82 17.83
CA HIS C 70 1.41 0.46 17.35
C HIS C 70 1.09 0.53 15.86
N ALA C 71 2.03 0.07 15.03
CA ALA C 71 1.95 0.14 13.55
C ALA C 71 1.69 -1.26 13.05
N VAL C 72 0.59 -1.39 12.30
CA VAL C 72 0.14 -2.74 11.83
C VAL C 72 0.47 -2.86 10.34
N GLY C 73 1.60 -3.50 10.06
CA GLY C 73 1.92 -3.88 8.67
C GLY C 73 1.12 -5.11 8.29
N PRO C 74 1.01 -5.33 6.96
CA PRO C 74 0.35 -6.55 6.50
C PRO C 74 1.19 -7.80 6.76
N ASN C 75 0.49 -8.92 6.95
CA ASN C 75 1.07 -10.25 7.02
C ASN C 75 1.06 -10.84 5.60
N PHE C 76 2.25 -10.97 5.02
CA PHE C 76 2.36 -11.42 3.60
C PHE C 76 2.05 -12.91 3.40
N SER C 77 1.78 -13.67 4.48
CA SER C 77 1.25 -15.05 4.38
C SER C 77 -0.21 -15.02 3.90
N ASN C 78 -0.89 -13.88 4.11
CA ASN C 78 -2.34 -13.73 3.83
C ASN C 78 -2.59 -12.68 2.75
N TYR C 79 -1.67 -11.75 2.52
CA TYR C 79 -1.84 -10.64 1.56
C TYR C 79 -1.09 -11.01 0.28
N THR C 80 -1.61 -10.65 -0.89
CA THR C 80 -0.85 -10.76 -2.16
C THR C 80 0.29 -9.74 -2.15
N GLU C 81 1.26 -9.92 -3.02
CA GLU C 81 2.36 -8.91 -3.15
C GLU C 81 1.78 -7.54 -3.47
N SER C 82 0.80 -7.46 -4.38
CA SER C 82 0.18 -6.17 -4.75
C SER C 82 -0.52 -5.50 -3.56
N GLU C 83 -1.46 -6.19 -2.90
CA GLU C 83 -2.27 -5.57 -1.82
C GLU C 83 -1.35 -5.28 -0.63
N GLY C 84 -0.42 -6.17 -0.34
CA GLY C 84 0.47 -6.00 0.83
C GLY C 84 1.41 -4.82 0.63
N ASP C 85 1.90 -4.62 -0.59
CA ASP C 85 2.80 -3.48 -0.85
C ASP C 85 2.09 -2.17 -0.48
N ARG C 86 0.81 -2.02 -0.83
CA ARG C 86 0.08 -0.76 -0.58
C ARG C 86 -0.25 -0.62 0.93
N GLU C 87 -0.51 -1.71 1.64
CA GLU C 87 -0.80 -1.65 3.10
C GLU C 87 0.51 -1.36 3.87
N LEU C 88 1.65 -1.85 3.40
CA LEU C 88 2.95 -1.64 4.09
C LEU C 88 3.31 -0.16 3.96
N ALA C 89 3.14 0.39 2.75
CA ALA C 89 3.37 1.83 2.50
C ALA C 89 2.49 2.67 3.43
N ALA C 90 1.22 2.30 3.59
CA ALA C 90 0.24 3.06 4.37
C ALA C 90 0.61 3.01 5.86
N ALA C 91 1.02 1.85 6.38
CA ALA C 91 1.41 1.72 7.81
C ALA C 91 2.53 2.72 8.09
N TYR C 92 3.53 2.80 7.22
CA TYR C 92 4.64 3.74 7.46
C TYR C 92 4.19 5.20 7.39
N ARG C 93 3.29 5.54 6.45
N ARG C 93 3.29 5.55 6.46
CA ARG C 93 2.77 6.92 6.36
CA ARG C 93 2.77 6.94 6.37
C ARG C 93 2.02 7.27 7.65
C ARG C 93 2.02 7.28 7.66
N GLU C 94 1.30 6.32 8.24
CA GLU C 94 0.61 6.57 9.54
C GLU C 94 1.67 6.72 10.65
N VAL C 95 2.80 6.03 10.59
CA VAL C 95 3.86 6.22 11.65
C VAL C 95 4.38 7.66 11.52
N ALA C 96 4.64 8.15 10.30
CA ALA C 96 5.14 9.53 10.08
C ALA C 96 4.16 10.55 10.66
N LYS C 97 2.86 10.35 10.44
CA LYS C 97 1.79 11.19 11.02
C LYS C 97 1.88 11.18 12.56
N GLU C 98 1.95 9.99 13.15
CA GLU C 98 1.95 9.85 14.64
C GLU C 98 3.20 10.51 15.22
N VAL C 99 4.38 10.28 14.61
CA VAL C 99 5.63 10.93 15.11
C VAL C 99 5.51 12.45 15.03
N THR C 100 4.92 12.98 13.97
CA THR C 100 4.78 14.43 13.75
C THR C 100 3.80 15.00 14.81
N ARG C 101 2.70 14.31 15.00
CA ARG C 101 1.65 14.69 15.98
C ARG C 101 2.28 14.81 17.36
N LEU C 102 3.11 13.86 17.75
CA LEU C 102 3.67 13.82 19.12
C LEU C 102 4.70 14.93 19.37
N GLY C 103 5.36 15.46 18.35
CA GLY C 103 6.36 16.54 18.49
C GLY C 103 7.72 16.01 18.94
N VAL C 104 7.92 14.71 18.95
CA VAL C 104 9.19 14.04 19.41
C VAL C 104 10.35 14.45 18.49
N ASN C 105 11.57 14.45 19.04
CA ASN C 105 12.80 14.75 18.26
C ASN C 105 13.49 13.45 17.82
N SER C 106 12.99 12.29 18.24
CA SER C 106 13.57 10.99 17.86
C SER C 106 12.55 9.88 18.02
N VAL C 107 12.77 8.81 17.28
CA VAL C 107 11.88 7.61 17.22
C VAL C 107 12.71 6.37 16.97
N ALA C 108 12.42 5.26 17.65
CA ALA C 108 12.99 3.93 17.47
C ALA C 108 11.98 3.14 16.63
N ILE C 109 12.44 2.60 15.49
N ILE C 109 12.44 2.50 15.56
CA ILE C 109 11.56 1.88 14.52
CA ILE C 109 11.50 1.88 14.59
C ILE C 109 12.16 0.52 14.17
C ILE C 109 12.09 0.59 14.04
N PRO C 110 11.31 -0.51 14.02
CA PRO C 110 11.72 -1.76 13.40
C PRO C 110 11.28 -1.77 11.92
N LEU C 111 11.83 -2.68 11.12
CA LEU C 111 11.34 -2.84 9.73
C LEU C 111 10.05 -3.66 9.76
N LEU C 112 8.95 -3.02 9.45
CA LEU C 112 7.61 -3.64 9.43
C LEU C 112 7.54 -4.74 8.38
N SER C 113 6.83 -5.81 8.72
CA SER C 113 6.48 -6.93 7.82
C SER C 113 7.74 -7.70 7.41
N THR C 114 8.78 -7.75 8.24
CA THR C 114 10.04 -8.48 7.88
C THR C 114 10.31 -9.75 8.70
N GLY C 115 9.54 -10.00 9.75
CA GLY C 115 9.71 -11.21 10.59
C GLY C 115 8.61 -12.20 10.25
N VAL C 116 7.78 -12.53 11.25
CA VAL C 116 6.62 -13.47 11.18
C VAL C 116 5.74 -13.06 10.00
N TYR C 117 5.59 -11.75 9.76
CA TYR C 117 4.65 -11.19 8.74
C TYR C 117 5.31 -11.15 7.35
N SER C 118 6.53 -11.63 7.18
CA SER C 118 7.24 -11.59 5.88
C SER C 118 6.70 -12.60 4.86
N GLY C 119 5.89 -13.57 5.27
CA GLY C 119 5.49 -14.65 4.35
C GLY C 119 6.65 -15.46 3.82
N GLY C 120 7.77 -15.51 4.57
CA GLY C 120 8.98 -16.27 4.25
C GLY C 120 9.88 -15.61 3.21
N LYS C 121 9.69 -14.35 2.86
CA LYS C 121 10.50 -13.63 1.83
C LYS C 121 11.41 -12.62 2.56
N ASP C 122 12.58 -12.35 2.00
CA ASP C 122 13.49 -11.28 2.46
C ASP C 122 12.89 -9.93 2.05
N ARG C 123 12.40 -9.13 3.01
CA ARG C 123 11.73 -7.83 2.68
C ARG C 123 12.53 -6.64 3.20
N LEU C 124 13.84 -6.78 3.41
CA LEU C 124 14.65 -5.64 3.91
C LEU C 124 14.52 -4.42 3.00
N THR C 125 14.85 -4.55 1.70
CA THR C 125 14.84 -3.38 0.79
C THR C 125 13.43 -2.83 0.67
N GLN C 126 12.42 -3.69 0.53
CA GLN C 126 11.03 -3.22 0.35
C GLN C 126 10.61 -2.40 1.58
N SER C 127 10.78 -2.99 2.74
CA SER C 127 10.36 -2.37 4.03
C SER C 127 11.13 -1.06 4.23
N LEU C 128 12.45 -1.09 4.03
CA LEU C 128 13.28 0.12 4.24
C LEU C 128 12.90 1.21 3.24
N ASN C 129 12.64 0.86 1.95
CA ASN C 129 12.21 1.87 0.97
C ASN C 129 10.92 2.56 1.44
N HIS C 130 9.93 1.80 1.93
CA HIS C 130 8.68 2.40 2.39
C HIS C 130 8.94 3.29 3.63
N LEU C 131 9.86 2.88 4.49
CA LEU C 131 10.20 3.65 5.71
C LEU C 131 10.76 5.00 5.28
N PHE C 132 11.71 5.01 4.36
CA PHE C 132 12.28 6.28 3.86
C PHE C 132 11.22 7.14 3.19
N THR C 133 10.37 6.57 2.32
CA THR C 133 9.31 7.33 1.61
C THR C 133 8.46 8.09 2.65
N ALA C 134 8.11 7.47 3.78
CA ALA C 134 7.25 8.11 4.79
C ALA C 134 8.04 9.07 5.69
N MET C 135 9.24 8.68 6.11
CA MET C 135 9.98 9.43 7.18
C MET C 135 10.86 10.55 6.59
N ASP C 136 11.17 10.56 5.30
CA ASP C 136 12.10 11.56 4.76
C ASP C 136 11.59 12.97 5.02
N SER C 137 10.26 13.20 5.01
CA SER C 137 9.71 14.57 5.21
C SER C 137 9.54 14.92 6.68
N THR C 138 9.87 14.03 7.60
CA THR C 138 9.88 14.31 9.06
C THR C 138 11.22 14.83 9.51
N ASP C 139 11.25 15.56 10.64
CA ASP C 139 12.48 16.15 11.20
C ASP C 139 12.92 15.42 12.46
N ALA C 140 12.35 14.27 12.80
CA ALA C 140 12.85 13.46 13.93
C ALA C 140 14.12 12.68 13.55
N ASP C 141 15.03 12.49 14.49
CA ASP C 141 16.10 11.48 14.37
C ASP C 141 15.46 10.10 14.34
N VAL C 142 15.71 9.32 13.31
CA VAL C 142 15.15 7.97 13.18
C VAL C 142 16.23 6.95 13.48
N VAL C 143 15.98 6.03 14.39
CA VAL C 143 16.91 4.94 14.73
C VAL C 143 16.26 3.61 14.44
N ILE C 144 16.77 2.88 13.46
CA ILE C 144 16.24 1.56 13.03
C ILE C 144 16.87 0.47 13.85
N TYR C 145 16.09 -0.43 14.40
CA TYR C 145 16.58 -1.53 15.27
C TYR C 145 16.47 -2.83 14.50
N CYS C 146 17.54 -3.61 14.48
CA CYS C 146 17.52 -4.94 13.85
C CYS C 146 18.24 -5.92 14.78
N ARG C 147 18.24 -7.21 14.40
CA ARG C 147 18.87 -8.31 15.17
C ARG C 147 20.00 -8.95 14.37
N ASP C 148 19.74 -9.36 13.12
CA ASP C 148 20.73 -10.09 12.28
C ASP C 148 21.89 -9.14 11.94
N LYS C 149 23.12 -9.65 11.96
CA LYS C 149 24.36 -8.85 11.71
C LYS C 149 24.45 -8.43 10.24
N GLU C 150 23.99 -9.24 9.27
CA GLU C 150 24.05 -8.89 7.83
C GLU C 150 22.98 -7.83 7.49
N TRP C 151 21.82 -7.88 8.14
CA TRP C 151 20.77 -6.83 7.97
C TRP C 151 21.35 -5.48 8.43
N GLU C 152 22.07 -5.46 9.55
CA GLU C 152 22.67 -4.19 10.05
C GLU C 152 23.57 -3.59 8.97
N LYS C 153 24.40 -4.40 8.32
CA LYS C 153 25.36 -3.93 7.29
C LYS C 153 24.62 -3.39 6.05
N LYS C 154 23.60 -4.11 5.58
CA LYS C 154 22.79 -3.70 4.40
C LYS C 154 21.99 -2.42 4.70
N ILE C 155 21.38 -2.32 5.89
CA ILE C 155 20.64 -1.07 6.25
C ILE C 155 21.63 0.10 6.35
N SER C 156 22.79 -0.15 6.97
CA SER C 156 23.83 0.90 7.14
C SER C 156 24.29 1.38 5.77
N GLU C 157 24.54 0.47 4.82
CA GLU C 157 24.93 0.85 3.44
C GLU C 157 23.87 1.70 2.76
N ALA C 158 22.60 1.33 2.88
CA ALA C 158 21.45 2.04 2.26
C ALA C 158 21.37 3.47 2.78
N ILE C 159 21.61 3.67 4.07
CA ILE C 159 21.55 5.00 4.72
C ILE C 159 22.71 5.84 4.14
N GLN C 160 23.90 5.25 4.15
CA GLN C 160 25.12 6.00 3.75
C GLN C 160 25.06 6.31 2.24
N MET C 161 24.45 5.46 1.42
CA MET C 161 24.35 5.68 -0.05
C MET C 161 23.72 7.04 -0.36
N ARG C 162 22.86 7.59 0.50
CA ARG C 162 22.07 8.83 0.18
C ARG C 162 22.69 10.09 0.81
N THR C 163 23.67 9.98 1.71
CA THR C 163 24.23 11.14 2.46
C THR C 163 25.24 11.86 1.57
N PRO D 5 8.96 46.18 0.11
CA PRO D 5 9.41 45.29 -0.98
C PRO D 5 8.48 45.37 -2.21
N SER D 6 8.95 44.78 -3.33
N SER D 6 8.98 44.89 -3.35
CA SER D 6 8.25 44.74 -4.65
CA SER D 6 8.21 44.75 -4.63
C SER D 6 8.10 43.28 -5.10
C SER D 6 8.03 43.26 -4.93
N TYR D 7 6.92 42.90 -5.58
CA TYR D 7 6.59 41.48 -5.91
C TYR D 7 6.34 41.35 -7.40
N ARG D 8 6.94 40.31 -8.02
CA ARG D 8 6.67 39.84 -9.39
C ARG D 8 6.53 38.33 -9.37
N VAL D 9 5.99 37.78 -10.43
CA VAL D 9 5.89 36.31 -10.62
C VAL D 9 6.43 35.97 -11.99
N LYS D 10 7.16 34.86 -12.09
CA LYS D 10 7.67 34.29 -13.37
C LYS D 10 7.24 32.82 -13.41
N ARG D 11 6.80 32.39 -14.59
CA ARG D 11 6.51 30.98 -14.91
C ARG D 11 7.78 30.40 -15.54
N MET D 12 8.69 29.90 -14.71
CA MET D 12 9.97 29.35 -15.20
C MET D 12 10.67 28.63 -14.07
N ASP D 13 11.68 27.86 -14.43
CA ASP D 13 12.50 27.03 -13.52
C ASP D 13 13.27 27.97 -12.58
N ILE D 14 13.02 27.87 -11.27
CA ILE D 14 13.71 28.74 -10.28
C ILE D 14 15.23 28.52 -10.36
N ALA D 15 15.67 27.38 -10.87
CA ALA D 15 17.12 27.07 -11.03
C ALA D 15 17.74 28.02 -12.06
N LYS D 16 16.92 28.74 -12.84
CA LYS D 16 17.40 29.72 -13.85
C LYS D 16 17.01 31.15 -13.45
N ASN D 17 16.86 31.45 -12.16
CA ASN D 17 16.42 32.77 -11.67
C ASN D 17 17.43 33.87 -12.01
N ASP D 18 16.96 35.11 -12.03
CA ASP D 18 17.77 36.33 -12.29
C ASP D 18 17.91 37.15 -11.01
N GLU D 19 17.88 36.53 -9.83
CA GLU D 19 17.95 37.26 -8.56
C GLU D 19 19.27 36.97 -7.81
N GLU D 20 19.56 37.75 -6.77
CA GLU D 20 20.86 37.65 -6.02
C GLU D 20 20.93 36.44 -5.10
N CYS D 21 19.80 35.76 -4.86
CA CYS D 21 19.81 34.54 -4.02
C CYS D 21 18.52 33.77 -4.26
N VAL D 22 18.51 32.52 -3.82
CA VAL D 22 17.38 31.61 -4.10
C VAL D 22 16.95 30.97 -2.79
N VAL D 23 15.63 30.73 -2.70
CA VAL D 23 15.03 29.90 -1.63
C VAL D 23 14.70 28.53 -2.21
N ASN D 24 15.25 27.51 -1.59
CA ASN D 24 14.96 26.10 -1.89
C ASN D 24 13.74 25.67 -1.07
N ALA D 25 12.80 24.99 -1.72
CA ALA D 25 11.72 24.24 -1.00
C ALA D 25 12.31 22.90 -0.57
N ALA D 26 13.02 22.94 0.56
CA ALA D 26 13.89 21.86 1.04
C ALA D 26 13.13 20.79 1.85
N ASN D 27 13.75 19.65 2.01
CA ASN D 27 13.30 18.63 2.99
C ASN D 27 14.17 18.77 4.24
N PRO D 28 13.72 18.26 5.38
CA PRO D 28 14.49 18.48 6.61
C PRO D 28 15.84 17.78 6.64
N ARG D 29 16.06 16.81 5.76
CA ARG D 29 17.25 15.91 5.84
C ARG D 29 18.35 16.39 4.90
N GLY D 30 18.11 17.44 4.15
CA GLY D 30 19.08 17.91 3.15
C GLY D 30 19.28 16.92 2.04
N LEU D 31 18.27 16.10 1.72
CA LEU D 31 18.31 15.16 0.59
C LEU D 31 18.01 15.89 -0.72
N PRO D 32 18.46 15.33 -1.87
CA PRO D 32 18.16 15.91 -3.18
C PRO D 32 16.68 16.10 -3.48
N GLY D 33 15.86 15.14 -3.04
CA GLY D 33 14.39 15.28 -3.18
C GLY D 33 13.90 15.17 -4.61
N ASP D 34 12.81 15.88 -4.90
CA ASP D 34 12.15 15.97 -6.23
C ASP D 34 11.61 17.41 -6.39
N GLY D 35 11.07 17.74 -7.56
CA GLY D 35 10.53 19.08 -7.84
C GLY D 35 11.62 20.15 -7.78
N VAL D 36 11.25 21.30 -7.23
CA VAL D 36 12.15 22.47 -7.00
C VAL D 36 13.43 21.95 -6.35
N CYS D 37 13.31 21.13 -5.30
CA CYS D 37 14.48 20.68 -4.50
C CYS D 37 15.45 19.97 -5.43
N LYS D 38 14.96 19.11 -6.34
CA LYS D 38 15.87 18.33 -7.23
C LYS D 38 16.56 19.28 -8.22
N ALA D 39 15.87 20.31 -8.68
CA ALA D 39 16.42 21.27 -9.66
C ALA D 39 17.49 22.13 -8.98
N VAL D 40 17.26 22.45 -7.72
CA VAL D 40 18.21 23.23 -6.88
C VAL D 40 19.44 22.33 -6.65
N TYR D 41 19.24 21.05 -6.36
CA TYR D 41 20.36 20.10 -6.18
C TYR D 41 21.20 20.04 -7.48
N LYS D 42 20.56 19.98 -8.64
CA LYS D 42 21.36 19.83 -9.89
C LYS D 42 22.16 21.11 -10.15
N LYS D 43 21.60 22.26 -9.83
CA LYS D 43 22.21 23.59 -10.15
C LYS D 43 23.27 24.00 -9.13
N TRP D 44 23.02 23.82 -7.82
CA TRP D 44 23.85 24.28 -6.71
C TRP D 44 24.13 23.12 -5.74
N PRO D 45 24.70 21.98 -6.18
CA PRO D 45 24.86 20.81 -5.30
C PRO D 45 25.74 21.11 -4.09
N GLU D 46 26.72 22.03 -4.21
CA GLU D 46 27.61 22.36 -3.07
C GLU D 46 26.81 22.96 -1.92
N SER D 47 25.63 23.55 -2.20
CA SER D 47 24.81 24.19 -1.16
C SER D 47 24.13 23.16 -0.26
N PHE D 48 24.23 21.86 -0.55
CA PHE D 48 23.59 20.83 0.32
C PHE D 48 24.56 20.30 1.41
N LYS D 49 25.75 20.90 1.54
CA LYS D 49 26.69 20.55 2.63
C LYS D 49 26.10 21.01 3.96
N ASN D 50 25.70 20.08 4.83
CA ASN D 50 25.09 20.41 6.15
C ASN D 50 23.89 21.35 5.97
N SER D 51 23.05 21.09 4.99
CA SER D 51 21.80 21.89 4.77
C SER D 51 20.63 21.36 5.62
N ALA D 52 20.75 20.18 6.22
CA ALA D 52 19.66 19.59 7.04
C ALA D 52 19.25 20.61 8.11
N THR D 53 17.93 20.77 8.33
CA THR D 53 17.41 21.76 9.30
C THR D 53 15.96 21.35 9.62
N PRO D 54 15.45 21.70 10.79
CA PRO D 54 14.11 21.23 11.11
C PRO D 54 13.01 21.93 10.28
N VAL D 55 11.82 21.33 10.34
CA VAL D 55 10.58 21.98 9.80
C VAL D 55 10.39 23.34 10.43
N GLY D 56 9.97 24.32 9.64
CA GLY D 56 9.73 25.68 10.12
C GLY D 56 10.95 26.55 10.20
N THR D 57 12.10 26.09 9.71
CA THR D 57 13.38 26.82 9.77
C THR D 57 13.96 27.02 8.38
N ALA D 58 14.89 27.98 8.31
CA ALA D 58 15.66 28.21 7.08
C ALA D 58 17.17 28.20 7.41
N LYS D 59 17.95 27.59 6.54
CA LYS D 59 19.42 27.54 6.71
C LYS D 59 20.08 27.87 5.38
N THR D 60 20.93 28.90 5.42
CA THR D 60 21.61 29.41 4.22
C THR D 60 22.96 28.73 4.06
N VAL D 61 23.21 28.18 2.88
CA VAL D 61 24.53 27.61 2.50
C VAL D 61 24.91 28.23 1.18
N MET D 62 26.16 28.72 1.09
N MET D 62 26.17 28.67 1.08
CA MET D 62 26.69 29.36 -0.14
CA MET D 62 26.72 29.32 -0.13
C MET D 62 27.13 28.28 -1.16
C MET D 62 27.11 28.25 -1.17
N CYS D 63 26.84 28.52 -2.44
CA CYS D 63 27.41 27.78 -3.57
C CYS D 63 28.32 28.79 -4.29
N GLY D 64 29.62 28.73 -4.05
CA GLY D 64 30.48 29.86 -4.42
C GLY D 64 30.15 31.03 -3.53
N THR D 65 29.68 32.16 -4.09
CA THR D 65 29.22 33.32 -3.34
C THR D 65 27.69 33.47 -3.49
N TYR D 66 27.02 32.50 -4.11
CA TYR D 66 25.58 32.57 -4.38
C TYR D 66 24.84 31.90 -3.21
N PRO D 67 23.99 32.63 -2.45
CA PRO D 67 23.31 32.08 -1.28
C PRO D 67 22.08 31.26 -1.64
N VAL D 68 22.03 30.05 -1.10
CA VAL D 68 20.86 29.15 -1.24
C VAL D 68 20.24 29.04 0.16
N ILE D 69 19.02 29.55 0.32
CA ILE D 69 18.31 29.62 1.61
C ILE D 69 17.43 28.37 1.62
N HIS D 70 17.81 27.32 2.33
CA HIS D 70 17.00 26.08 2.39
C HIS D 70 15.88 26.29 3.40
N ALA D 71 14.63 26.36 2.94
CA ALA D 71 13.47 26.64 3.81
C ALA D 71 12.63 25.38 3.88
N VAL D 72 12.35 24.90 5.08
CA VAL D 72 11.65 23.60 5.24
C VAL D 72 10.17 23.86 5.61
N GLY D 73 9.32 23.82 4.63
CA GLY D 73 7.87 23.94 4.94
C GLY D 73 7.38 22.61 5.44
N PRO D 74 6.22 22.58 6.14
CA PRO D 74 5.66 21.34 6.59
C PRO D 74 5.05 20.49 5.48
N ASN D 75 5.13 19.17 5.65
CA ASN D 75 4.38 18.22 4.80
C ASN D 75 2.99 18.05 5.39
N PHE D 76 1.95 18.60 4.74
CA PHE D 76 0.57 18.47 5.24
C PHE D 76 -0.01 17.04 5.22
N SER D 77 0.69 16.06 4.66
CA SER D 77 0.38 14.61 4.86
C SER D 77 0.73 14.17 6.29
N ASN D 78 1.61 14.90 6.99
CA ASN D 78 2.07 14.53 8.36
C ASN D 78 1.46 15.43 9.42
N TYR D 79 1.30 16.74 9.11
CA TYR D 79 0.85 17.77 10.05
C TYR D 79 -0.66 17.95 9.94
N THR D 80 -1.31 18.26 11.05
CA THR D 80 -2.69 18.77 11.02
C THR D 80 -2.75 20.12 10.32
N GLU D 81 -3.92 20.51 9.83
CA GLU D 81 -4.08 21.88 9.29
C GLU D 81 -3.57 22.93 10.27
N SER D 82 -3.93 22.85 11.56
CA SER D 82 -3.57 23.86 12.58
C SER D 82 -2.04 23.91 12.77
N GLU D 83 -1.41 22.76 13.04
CA GLU D 83 0.05 22.75 13.35
C GLU D 83 0.84 23.10 12.09
N GLY D 84 0.38 22.63 10.93
CA GLY D 84 1.02 22.91 9.63
C GLY D 84 0.97 24.39 9.32
N ASP D 85 -0.17 25.04 9.56
CA ASP D 85 -0.26 26.49 9.27
C ASP D 85 0.80 27.29 10.03
N ARG D 86 1.01 26.94 11.30
CA ARG D 86 2.01 27.61 12.17
C ARG D 86 3.40 27.40 11.56
N GLU D 87 3.72 26.16 11.19
CA GLU D 87 5.08 25.83 10.66
C GLU D 87 5.30 26.48 9.30
N LEU D 88 4.27 26.69 8.50
CA LEU D 88 4.41 27.31 7.17
C LEU D 88 4.69 28.79 7.37
N ALA D 89 3.97 29.46 8.28
CA ALA D 89 4.27 30.85 8.67
C ALA D 89 5.73 30.97 9.14
N ALA D 90 6.18 30.05 10.01
CA ALA D 90 7.52 30.09 10.64
C ALA D 90 8.59 29.95 9.55
N ALA D 91 8.41 29.03 8.60
CA ALA D 91 9.43 28.85 7.51
C ALA D 91 9.61 30.18 6.79
N TYR D 92 8.54 30.84 6.38
CA TYR D 92 8.66 32.13 5.65
C TYR D 92 9.25 33.22 6.52
N ARG D 93 8.85 33.27 7.81
CA ARG D 93 9.44 34.21 8.81
C ARG D 93 10.96 34.06 8.80
N GLU D 94 11.46 32.82 8.85
CA GLU D 94 12.92 32.53 8.88
C GLU D 94 13.57 32.90 7.54
N VAL D 95 12.91 32.68 6.42
CA VAL D 95 13.38 33.15 5.07
C VAL D 95 13.59 34.67 5.12
N ALA D 96 12.60 35.43 5.59
CA ALA D 96 12.67 36.91 5.60
C ALA D 96 13.89 37.36 6.43
N LYS D 97 14.13 36.70 7.56
CA LYS D 97 15.23 37.06 8.51
C LYS D 97 16.58 36.80 7.82
N GLU D 98 16.69 35.72 7.04
CA GLU D 98 17.93 35.43 6.24
C GLU D 98 18.12 36.44 5.11
N VAL D 99 17.08 36.78 4.35
CA VAL D 99 17.14 37.79 3.27
C VAL D 99 17.66 39.12 3.85
N THR D 100 17.12 39.56 4.99
CA THR D 100 17.54 40.82 5.64
C THR D 100 19.01 40.70 6.02
N ARG D 101 19.40 39.59 6.66
CA ARG D 101 20.76 39.40 7.21
C ARG D 101 21.78 39.40 6.07
N LEU D 102 21.43 38.82 4.94
CA LEU D 102 22.34 38.71 3.77
C LEU D 102 22.49 40.06 3.06
N GLY D 103 21.53 40.97 3.24
CA GLY D 103 21.57 42.33 2.64
C GLY D 103 21.43 42.31 1.13
N VAL D 104 20.81 41.28 0.59
CA VAL D 104 20.60 41.16 -0.87
C VAL D 104 19.55 42.18 -1.34
N ASN D 105 19.54 42.48 -2.63
CA ASN D 105 18.56 43.42 -3.24
C ASN D 105 17.43 42.63 -3.91
N SER D 106 17.57 41.31 -4.06
CA SER D 106 16.52 40.49 -4.71
C SER D 106 16.60 39.03 -4.25
N VAL D 107 15.46 38.34 -4.30
CA VAL D 107 15.36 36.91 -3.89
C VAL D 107 14.33 36.21 -4.76
N ALA D 108 14.67 35.03 -5.24
CA ALA D 108 13.82 34.10 -5.99
C ALA D 108 13.21 33.14 -4.98
N ILE D 109 11.88 32.99 -4.98
N ILE D 109 11.87 33.06 -4.96
CA ILE D 109 11.18 32.22 -3.91
CA ILE D 109 11.12 32.25 -3.95
C ILE D 109 10.05 31.40 -4.52
C ILE D 109 10.10 31.35 -4.65
N PRO D 110 9.96 30.09 -4.19
CA PRO D 110 8.85 29.25 -4.63
C PRO D 110 7.75 29.26 -3.56
N LEU D 111 6.55 28.80 -3.89
CA LEU D 111 5.46 28.69 -2.88
C LEU D 111 5.65 27.39 -2.08
N LEU D 112 6.07 27.56 -0.82
CA LEU D 112 6.38 26.42 0.05
C LEU D 112 5.11 25.60 0.31
N SER D 113 5.27 24.29 0.38
CA SER D 113 4.21 23.32 0.81
C SER D 113 3.06 23.23 -0.23
N THR D 114 3.28 23.64 -1.49
CA THR D 114 2.22 23.65 -2.53
C THR D 114 2.30 22.47 -3.52
N GLY D 115 3.38 21.70 -3.48
CA GLY D 115 3.60 20.52 -4.33
C GLY D 115 3.37 19.23 -3.58
N VAL D 116 4.38 18.37 -3.49
CA VAL D 116 4.22 17.04 -2.84
C VAL D 116 4.08 17.22 -1.31
N TYR D 117 4.28 18.41 -0.73
CA TYR D 117 4.00 18.63 0.71
C TYR D 117 2.58 19.21 0.93
N SER D 118 1.75 19.28 -0.11
CA SER D 118 0.41 19.93 0.00
C SER D 118 -0.66 19.01 0.62
N GLY D 119 -0.39 17.71 0.83
CA GLY D 119 -1.37 16.76 1.35
C GLY D 119 -2.55 16.67 0.40
N GLY D 120 -2.30 16.89 -0.90
CA GLY D 120 -3.28 16.73 -1.99
C GLY D 120 -4.26 17.90 -2.08
N LYS D 121 -4.00 19.02 -1.41
CA LYS D 121 -4.89 20.20 -1.34
C LYS D 121 -4.25 21.37 -2.09
N ASP D 122 -5.10 22.24 -2.67
CA ASP D 122 -4.68 23.51 -3.33
C ASP D 122 -4.35 24.52 -2.24
N ARG D 123 -3.05 24.83 -2.04
CA ARG D 123 -2.54 25.76 -1.02
C ARG D 123 -1.91 27.02 -1.63
N LEU D 124 -2.28 27.41 -2.85
CA LEU D 124 -1.74 28.65 -3.46
C LEU D 124 -2.03 29.85 -2.56
N THR D 125 -3.31 30.13 -2.20
CA THR D 125 -3.67 31.32 -1.40
C THR D 125 -3.00 31.30 -0.02
N GLN D 126 -3.03 30.16 0.63
CA GLN D 126 -2.46 29.96 1.98
C GLN D 126 -0.95 30.24 1.93
N SER D 127 -0.28 29.57 1.03
CA SER D 127 1.21 29.75 0.93
C SER D 127 1.59 31.19 0.55
N LEU D 128 0.89 31.78 -0.44
CA LEU D 128 1.17 33.18 -0.86
C LEU D 128 0.87 34.13 0.29
N ASN D 129 -0.19 33.90 1.09
CA ASN D 129 -0.50 34.83 2.18
C ASN D 129 0.60 34.84 3.24
N HIS D 130 1.16 33.69 3.60
CA HIS D 130 2.29 33.65 4.57
C HIS D 130 3.56 34.30 3.94
N LEU D 131 3.79 34.08 2.65
CA LEU D 131 4.90 34.70 1.88
C LEU D 131 4.82 36.23 2.00
N PHE D 132 3.66 36.83 1.70
CA PHE D 132 3.51 38.31 1.75
C PHE D 132 3.73 38.79 3.19
N THR D 133 3.15 38.09 4.17
CA THR D 133 3.23 38.52 5.59
C THR D 133 4.70 38.62 6.01
N ALA D 134 5.50 37.61 5.66
CA ALA D 134 6.91 37.56 6.07
C ALA D 134 7.72 38.55 5.24
N MET D 135 7.54 38.56 3.93
CA MET D 135 8.50 39.29 3.05
C MET D 135 8.17 40.78 3.07
N ASP D 136 6.97 41.17 3.53
CA ASP D 136 6.63 42.62 3.64
C ASP D 136 7.58 43.30 4.61
N SER D 137 8.24 42.55 5.49
CA SER D 137 9.16 43.11 6.51
C SER D 137 10.58 43.34 5.97
N THR D 138 10.84 42.92 4.72
CA THR D 138 12.13 43.20 4.00
C THR D 138 11.94 44.39 3.06
N ASP D 139 13.00 44.81 2.36
CA ASP D 139 12.92 45.86 1.31
C ASP D 139 13.42 45.28 -0.03
N ALA D 140 13.57 43.95 -0.12
CA ALA D 140 14.13 43.27 -1.30
C ALA D 140 13.06 43.11 -2.37
N ASP D 141 13.46 43.15 -3.64
CA ASP D 141 12.61 42.74 -4.79
C ASP D 141 12.42 41.23 -4.65
N VAL D 142 11.16 40.81 -4.57
CA VAL D 142 10.81 39.37 -4.45
C VAL D 142 10.23 38.93 -5.77
N VAL D 143 10.78 37.85 -6.30
CA VAL D 143 10.31 37.20 -7.54
C VAL D 143 9.88 35.77 -7.21
N ILE D 144 8.57 35.53 -7.36
CA ILE D 144 7.92 34.23 -7.09
C ILE D 144 7.96 33.41 -8.36
N TYR D 145 8.42 32.16 -8.26
CA TYR D 145 8.54 31.22 -9.38
C TYR D 145 7.45 30.15 -9.28
N CYS D 146 6.72 29.88 -10.38
CA CYS D 146 5.70 28.79 -10.52
C CYS D 146 5.90 28.14 -11.88
N ARG D 147 5.19 27.06 -12.18
CA ARG D 147 5.29 26.34 -13.48
C ARG D 147 3.96 26.36 -14.25
N ASP D 148 2.82 26.58 -13.58
CA ASP D 148 1.47 26.51 -14.23
C ASP D 148 0.94 27.91 -14.53
N LYS D 149 0.34 28.09 -15.71
CA LYS D 149 -0.21 29.40 -16.20
C LYS D 149 -1.38 29.84 -15.32
N GLU D 150 -2.24 28.90 -14.91
CA GLU D 150 -3.40 29.21 -14.03
C GLU D 150 -2.85 29.77 -12.70
N TRP D 151 -1.80 29.13 -12.17
CA TRP D 151 -1.13 29.58 -10.91
C TRP D 151 -0.45 30.92 -11.17
N GLU D 152 0.26 31.06 -12.29
CA GLU D 152 0.87 32.35 -12.68
C GLU D 152 -0.18 33.47 -12.65
N LYS D 153 -1.32 33.24 -13.31
CA LYS D 153 -2.46 34.19 -13.39
C LYS D 153 -2.92 34.55 -11.97
N LYS D 154 -3.18 33.53 -11.14
CA LYS D 154 -3.74 33.71 -9.77
C LYS D 154 -2.74 34.48 -8.90
N ILE D 155 -1.45 34.15 -8.98
CA ILE D 155 -0.38 34.84 -8.18
C ILE D 155 -0.31 36.32 -8.63
N SER D 156 -0.33 36.56 -9.93
CA SER D 156 -0.29 37.92 -10.51
C SER D 156 -1.47 38.77 -10.02
N GLU D 157 -2.68 38.19 -10.04
CA GLU D 157 -3.92 38.86 -9.53
C GLU D 157 -3.76 39.17 -8.04
N ALA D 158 -3.27 38.22 -7.24
CA ALA D 158 -3.08 38.45 -5.79
C ALA D 158 -2.11 39.62 -5.56
N ILE D 159 -1.05 39.72 -6.37
CA ILE D 159 -0.06 40.82 -6.27
C ILE D 159 -0.77 42.15 -6.61
N GLN D 160 -1.52 42.15 -7.71
CA GLN D 160 -2.24 43.35 -8.23
C GLN D 160 -3.19 43.88 -7.15
N MET D 161 -3.93 42.97 -6.50
CA MET D 161 -5.04 43.32 -5.57
C MET D 161 -4.53 44.00 -4.30
N ARG D 162 -3.24 43.89 -3.94
CA ARG D 162 -2.69 44.50 -2.70
C ARG D 162 -2.19 45.92 -2.94
N THR D 163 -2.04 46.34 -4.20
CA THR D 163 -1.41 47.63 -4.55
C THR D 163 -2.43 48.76 -4.34
S DMS E . -7.46 0.45 -4.96
O DMS E . -6.03 0.96 -5.31
C1 DMS E . -7.83 -0.78 -6.09
C2 DMS E . -8.64 1.66 -5.55
S DMS F . -6.81 -1.16 -24.31
O DMS F . -6.59 0.27 -23.84
C1 DMS F . -5.31 -1.60 -25.11
C2 DMS F . -7.78 -1.04 -25.77
S DMS G . -12.96 -12.69 -25.95
O DMS G . -11.46 -12.68 -26.08
C1 DMS G . -13.39 -14.25 -25.24
C2 DMS G . -13.58 -12.98 -27.58
C TRS H . 8.70 -0.91 -32.93
C1 TRS H . 8.97 -2.28 -32.31
C2 TRS H . 8.85 0.23 -31.92
C3 TRS H . 9.62 -0.70 -34.14
N TRS H . 7.26 -0.91 -33.39
O1 TRS H . 8.70 -3.36 -33.19
O2 TRS H . 10.20 0.49 -31.58
O3 TRS H . 9.19 0.39 -34.98
S DMS I . 12.02 0.38 -13.40
O DMS I . 11.76 -1.11 -13.30
C1 DMS I . 10.46 1.17 -13.46
C2 DMS I . 12.47 0.72 -15.09
S DMS J . -4.23 -24.40 -15.86
O DMS J . -3.61 -23.86 -14.62
C1 DMS J . -5.72 -25.23 -15.32
C2 DMS J . -3.25 -25.79 -16.41
N1 LG4 K . -8.38 -9.10 -16.50
C2 LG4 K . -8.30 -9.90 -17.58
C3 LG4 K . -9.09 -9.78 -18.71
C4 LG4 K . -10.06 -8.79 -18.68
C5 LG4 K . -10.19 -7.96 -17.59
C6 LG4 K . -9.31 -8.13 -16.50
N7 LG4 K . -9.35 -7.30 -15.45
C8 LG4 K . -8.93 -10.69 -19.91
S DMS L . -25.10 -13.21 1.63
O DMS L . -24.11 -13.60 0.59
C1 DMS L . -25.33 -14.66 2.66
C2 DMS L . -26.66 -13.26 0.82
S DMS M . -25.95 -7.09 12.53
O DMS M . -25.60 -8.53 12.26
C1 DMS M . -24.98 -6.60 13.92
C2 DMS M . -27.54 -7.10 13.32
CL CL N . -21.45 -8.39 13.18
CL CL O . -26.16 -13.69 6.27
N1 LG4 P . -15.87 -9.76 7.33
C2 LG4 P . -16.49 -10.19 8.44
C3 LG4 P . -17.83 -9.94 8.74
C4 LG4 P . -18.55 -9.20 7.82
C5 LG4 P . -17.95 -8.73 6.67
C6 LG4 P . -16.58 -9.03 6.43
N7 LG4 P . -15.97 -8.65 5.31
C8 LG4 P . -18.48 -10.50 9.98
S DMS Q . 9.73 -7.30 12.75
O DMS Q . 8.89 -6.06 12.54
C1 DMS Q . 11.27 -6.74 13.43
C2 DMS Q . 9.09 -8.12 14.18
CL CL R . 16.89 -8.28 11.62
CL CL S . -8.11 -4.87 9.94
CL CL T . 6.82 -8.79 11.40
S DMS U . 9.71 -4.35 33.24
O DMS U . 8.44 -3.75 32.71
C1 DMS U . 10.97 -3.90 32.09
C2 DMS U . 9.65 -6.09 32.87
S DMS V . 3.90 -9.43 14.63
O DMS V . 3.19 -8.11 14.52
C1 DMS V . 3.31 -10.19 16.12
C2 DMS V . 5.55 -9.07 15.17
S DMS W . 2.11 4.23 -2.82
O DMS W . 1.76 2.79 -2.62
C1 DMS W . 0.67 5.18 -2.39
C2 DMS W . 2.08 4.49 -4.57
S DMS X . 14.88 -11.47 9.58
O DMS X . 16.25 -11.18 10.10
C1 DMS X . 13.75 -10.78 10.74
C2 DMS X . 14.56 -13.19 9.90
S DMS Y . 6.45 23.38 -4.70
O DMS Y . 7.06 22.28 -5.56
C1 DMS Y . 6.42 24.84 -5.72
C2 DMS Y . 7.73 23.88 -3.58
S DMS Z . 24.93 22.93 -13.79
O DMS Z . 23.53 23.52 -13.83
C1 DMS Z . 24.71 21.16 -13.75
C2 DMS Z . 25.64 23.18 -12.16
S DMS AA . 9.79 18.37 -1.35
O DMS AA . 11.26 18.21 -1.63
C1 DMS AA . 9.04 18.77 -2.91
C2 DMS AA . 9.57 19.96 -0.58
S DMS BA . 26.03 31.83 5.49
O DMS BA . 25.19 32.81 4.72
C1 DMS BA . 26.12 30.35 4.54
C2 DMS BA . 25.02 31.23 6.82
CL CL CA . 2.98 25.96 -9.96
CL CL DA . 6.21 21.22 -1.73
#